data_7RCW
#
_entry.id   7RCW
#
_cell.length_a   62.910
_cell.length_b   200.190
_cell.length_c   70.680
_cell.angle_alpha   90.000
_cell.angle_beta   100.110
_cell.angle_gamma   90.000
#
_symmetry.space_group_name_H-M   'P 1 21 1'
#
loop_
_entity.id
_entity.type
_entity.pdbx_description
1 polymer 'Penicillin-binding protein'
2 non-polymer DI(HYDROXYETHYL)ETHER
3 non-polymer 'ACETATE ION'
4 non-polymer GLYCEROL
5 non-polymer '(2R,4S)-2-[(R)-{[(2R)-2-amino-2-phenylacetyl]amino}(carboxy)methyl]-5,5-dimethyl-1,3-thiazolidine-4-carboxylic acid'
6 non-polymer 'ZINC ION'
7 water water
#
_entity_poly.entity_id   1
_entity_poly.type   'polypeptide(L)'
_entity_poly.pdbx_seq_one_letter_code
;YEYYNELAENKTYKKLAIEAPRGEIKDRYGRLLAGNKNLFTVQVSGNDINKKDANKHSRANEISLKLINLLERNGEEYVD
EFPIYVENGKYYYTYDRDIREYKSENGIPNDYNAKESFYYLVDKLISAGILSQEDKRLDATRLQAKLNENGYYPPILVSK
WMFTAERDKRDWLASYKIKETKLSAKEAFEKVRNSDALEIDKSLSDEDARKIMVVRDLIKSKGYSQYNPVTIAKDVGETT
IAQIEESAMDLVGVSIAVEPVRYYPNGSLASHMLGYVGKMPSTQIESYLQKGYETGDMVGLAGVEKSNESRLRGTDGYKM
VKVDALGRISKEIESKKPKSGDTVYLTLDKDLQEVSDNALKQIIEVASKGGTFKSKFGDKPISAYAGKAQSAALIAIDVK
NGEVLASSSYPNYDPNKFAKGISTEDYKALQPKNPNDLLAGSPLLNLVTQGEFQPGSSFKMLTSMAALENGLDPNFTIND
PGVIMLGKKSFGDYVWNHGRGNHGMTNLYKAIQESCNIYMATIGTGKTWPDGKSIGIDMNANKILEYAKLFGLDQNTGLQ
DEVEERAGKVPSTEDKLKSTQALLKSNLEREMANDFVDITREKNPKEYEKRINEIVSWAAEKKTPGRVETMNRLKKMNVK
EDRIEEVADLAVFSYFNFAKWSTADTFNLAIGQGENAYTPAQISRYVAAIANGGNLVELSVVDRAVSSDYSSVKINDQKK
VEKIPFKNPDNLKELTKGMKLVARQGTAKSAFADFPIDVAAKTGTAEKSGKIPTDNEYEYLKSHMSSYNVNLNDAIKLAD
KMKAEKEKELSLAKEKEIKKKLENKDLKDEERKKLEEELEDGVKVRLEDTDKVNSSYLRKAIKELNPKITDDQIDRFKQD
YGSFTWTVAFAPADDPEIAVVCVIPQGDSSVFSLLPTREVIGTYMGL
;
_entity_poly.pdbx_strand_id   A
#
# COMPACT_ATOMS: atom_id res chain seq x y z
N LYS A 15 14.51 -35.84 -18.56
CA LYS A 15 14.94 -34.63 -17.79
C LYS A 15 13.83 -34.20 -16.81
N LEU A 16 14.01 -34.43 -15.51
CA LEU A 16 12.99 -34.09 -14.48
C LEU A 16 13.43 -32.85 -13.70
N ALA A 17 12.47 -32.28 -12.95
CA ALA A 17 12.58 -31.01 -12.20
C ALA A 17 12.77 -31.30 -10.71
N ILE A 18 14.02 -31.31 -10.24
CA ILE A 18 14.39 -31.43 -8.80
C ILE A 18 14.59 -30.02 -8.24
N GLU A 19 13.70 -29.59 -7.33
CA GLU A 19 13.66 -28.20 -6.80
C GLU A 19 14.64 -28.08 -5.63
N ALA A 20 15.41 -27.01 -5.58
CA ALA A 20 16.39 -26.72 -4.51
C ALA A 20 15.64 -26.28 -3.27
N PRO A 21 16.08 -26.68 -2.05
CA PRO A 21 15.50 -26.13 -0.82
C PRO A 21 15.70 -24.62 -0.67
N ARG A 22 14.67 -23.89 -0.25
CA ARG A 22 14.76 -22.41 -0.19
C ARG A 22 15.71 -21.99 0.93
N GLY A 23 16.62 -21.06 0.65
CA GLY A 23 17.47 -20.44 1.68
C GLY A 23 16.66 -19.89 2.83
N GLU A 24 17.18 -19.94 4.07
CA GLU A 24 16.51 -19.39 5.28
C GLU A 24 16.75 -17.87 5.29
N ILE A 25 15.87 -17.13 5.94
CA ILE A 25 16.09 -15.73 6.38
C ILE A 25 16.22 -15.79 7.90
N LYS A 26 17.32 -15.27 8.45
CA LYS A 26 17.55 -15.15 9.92
C LYS A 26 17.71 -13.68 10.30
N ASP A 27 17.73 -13.38 11.59
CA ASP A 27 17.85 -12.01 12.14
C ASP A 27 19.34 -11.74 12.22
N ARG A 28 19.72 -10.57 12.77
CA ARG A 28 21.13 -10.13 12.77
C ARG A 28 21.98 -11.18 13.49
N TYR A 29 21.45 -11.80 14.55
CA TYR A 29 22.15 -12.75 15.47
C TYR A 29 21.85 -14.22 15.14
N GLY A 30 21.18 -14.50 14.04
CA GLY A 30 21.12 -15.87 13.50
C GLY A 30 19.86 -16.62 13.91
N ARG A 31 18.81 -15.91 14.32
CA ARG A 31 17.58 -16.57 14.80
C ARG A 31 16.72 -16.77 13.57
N LEU A 32 16.18 -17.97 13.39
CA LEU A 32 15.35 -18.35 12.20
C LEU A 32 14.10 -17.47 12.15
N LEU A 33 13.93 -16.67 11.08
CA LEU A 33 12.74 -15.81 10.81
C LEU A 33 11.83 -16.47 9.79
N ALA A 34 12.43 -17.08 8.77
CA ALA A 34 11.72 -17.76 7.67
C ALA A 34 12.53 -18.99 7.24
N GLY A 35 11.92 -20.17 7.25
CA GLY A 35 12.59 -21.45 6.90
C GLY A 35 11.62 -22.39 6.22
N ASN A 36 12.03 -23.66 6.01
CA ASN A 36 11.20 -24.68 5.32
C ASN A 36 10.82 -25.80 6.28
N LYS A 37 9.62 -26.37 6.10
CA LYS A 37 9.15 -27.59 6.79
C LYS A 37 8.47 -28.50 5.77
N ASN A 38 8.45 -29.80 6.07
CA ASN A 38 7.85 -30.88 5.23
C ASN A 38 6.39 -31.04 5.66
N LEU A 39 5.53 -31.34 4.70
CA LEU A 39 4.08 -31.61 4.90
C LEU A 39 3.71 -32.82 4.02
N PHE A 40 2.72 -33.60 4.48
CA PHE A 40 2.13 -34.74 3.72
C PHE A 40 1.05 -34.16 2.80
N THR A 41 1.21 -34.32 1.48
CA THR A 41 0.18 -33.96 0.47
C THR A 41 -0.47 -35.23 -0.10
N VAL A 42 -1.76 -35.14 -0.43
CA VAL A 42 -2.51 -36.17 -1.19
C VAL A 42 -2.39 -35.81 -2.67
N GLN A 43 -1.70 -36.62 -3.46
CA GLN A 43 -1.54 -36.40 -4.92
C GLN A 43 -2.48 -37.37 -5.64
N VAL A 44 -2.80 -37.10 -6.90
CA VAL A 44 -3.75 -37.91 -7.72
C VAL A 44 -3.23 -37.98 -9.15
N SER A 45 -3.01 -39.19 -9.68
CA SER A 45 -2.45 -39.38 -11.05
C SER A 45 -3.59 -39.37 -12.07
N GLY A 46 -3.49 -38.54 -13.10
CA GLY A 46 -4.48 -38.42 -14.19
C GLY A 46 -4.57 -39.71 -14.98
N ASN A 47 -3.44 -40.18 -15.53
CA ASN A 47 -3.34 -41.44 -16.29
C ASN A 47 -4.13 -42.54 -15.56
N ASP A 48 -3.79 -42.75 -14.30
CA ASP A 48 -4.21 -43.93 -13.48
C ASP A 48 -5.72 -43.86 -13.20
N ILE A 49 -6.21 -42.75 -12.67
CA ILE A 49 -7.64 -42.57 -12.24
C ILE A 49 -8.57 -42.83 -13.45
N ASN A 50 -8.27 -42.23 -14.62
CA ASN A 50 -9.16 -42.22 -15.82
C ASN A 50 -8.43 -42.84 -17.03
N LYS A 51 -7.95 -44.08 -16.86
CA LYS A 51 -7.74 -45.01 -18.00
C LYS A 51 -8.66 -46.21 -17.79
N LYS A 52 -9.25 -46.68 -18.90
CA LYS A 52 -10.17 -47.85 -18.98
C LYS A 52 -9.51 -48.88 -19.88
N ASP A 53 -10.03 -50.11 -19.91
CA ASP A 53 -9.57 -51.16 -20.86
C ASP A 53 -10.80 -51.75 -21.55
N ALA A 54 -11.58 -52.57 -20.83
CA ALA A 54 -12.76 -53.30 -21.33
C ALA A 54 -14.05 -52.60 -20.86
N ASN A 55 -14.01 -51.96 -19.69
CA ASN A 55 -15.14 -51.18 -19.15
C ASN A 55 -15.39 -50.00 -20.10
N LYS A 56 -16.65 -49.60 -20.23
CA LYS A 56 -17.09 -48.40 -21.00
C LYS A 56 -16.61 -47.16 -20.24
N HIS A 57 -16.79 -47.20 -18.92
CA HIS A 57 -16.49 -46.10 -17.96
C HIS A 57 -15.24 -46.45 -17.12
N SER A 58 -14.24 -45.57 -17.13
CA SER A 58 -13.10 -45.58 -16.17
C SER A 58 -13.66 -45.53 -14.75
N ARG A 59 -12.81 -45.73 -13.75
CA ARG A 59 -13.22 -45.71 -12.32
C ARG A 59 -13.10 -44.30 -11.74
N ALA A 60 -12.78 -43.27 -12.55
CA ALA A 60 -12.39 -41.91 -12.11
C ALA A 60 -13.43 -41.31 -11.15
N ASN A 61 -14.69 -41.19 -11.60
CA ASN A 61 -15.76 -40.44 -10.87
C ASN A 61 -16.10 -41.19 -9.57
N GLU A 62 -15.90 -42.50 -9.54
CA GLU A 62 -16.17 -43.36 -8.36
C GLU A 62 -15.13 -43.07 -7.28
N ILE A 63 -13.85 -43.00 -7.69
CA ILE A 63 -12.67 -42.75 -6.80
C ILE A 63 -12.71 -41.28 -6.36
N SER A 64 -12.83 -40.36 -7.32
CA SER A 64 -13.04 -38.90 -7.06
C SER A 64 -14.00 -38.73 -5.88
N LEU A 65 -15.24 -39.24 -5.99
CA LEU A 65 -16.31 -39.05 -4.98
C LEU A 65 -15.86 -39.65 -3.64
N LYS A 66 -15.08 -40.73 -3.69
CA LYS A 66 -14.63 -41.49 -2.48
C LYS A 66 -13.61 -40.63 -1.73
N LEU A 67 -12.61 -40.11 -2.48
CA LEU A 67 -11.45 -39.33 -1.95
C LEU A 67 -11.96 -38.10 -1.17
N ILE A 68 -12.70 -37.20 -1.83
CA ILE A 68 -13.20 -35.95 -1.19
C ILE A 68 -13.89 -36.33 0.13
N ASN A 69 -14.83 -37.28 0.10
CA ASN A 69 -15.65 -37.65 1.28
C ASN A 69 -14.71 -38.05 2.43
N LEU A 70 -13.70 -38.87 2.11
CA LEU A 70 -12.66 -39.33 3.07
C LEU A 70 -12.01 -38.12 3.74
N LEU A 71 -11.44 -37.21 2.95
CA LEU A 71 -10.81 -35.94 3.42
C LEU A 71 -11.82 -35.16 4.28
N GLU A 72 -13.04 -35.00 3.76
CA GLU A 72 -14.13 -34.20 4.40
C GLU A 72 -14.38 -34.73 5.81
N ARG A 73 -14.55 -36.05 5.97
CA ARG A 73 -14.80 -36.68 7.28
C ARG A 73 -13.63 -36.35 8.22
N ASN A 74 -12.40 -36.62 7.78
CA ASN A 74 -11.15 -36.44 8.57
C ASN A 74 -10.91 -34.95 8.85
N GLY A 75 -11.62 -34.05 8.17
CA GLY A 75 -11.55 -32.59 8.40
C GLY A 75 -10.37 -31.96 7.69
N GLU A 76 -9.89 -32.57 6.59
CA GLU A 76 -8.73 -32.08 5.81
C GLU A 76 -9.18 -30.99 4.84
N GLU A 77 -8.41 -29.91 4.76
CA GLU A 77 -8.58 -28.80 3.78
C GLU A 77 -8.01 -29.26 2.43
N TYR A 78 -8.75 -29.09 1.33
CA TYR A 78 -8.36 -29.58 -0.02
C TYR A 78 -8.62 -28.51 -1.08
N VAL A 79 -7.70 -28.43 -2.05
CA VAL A 79 -7.75 -27.54 -3.25
C VAL A 79 -9.14 -27.67 -3.87
N ASP A 80 -9.78 -26.54 -4.15
CA ASP A 80 -11.12 -26.48 -4.79
C ASP A 80 -11.15 -25.25 -5.69
N GLU A 81 -10.60 -25.35 -6.90
CA GLU A 81 -10.53 -24.18 -7.82
C GLU A 81 -11.45 -24.44 -9.01
N PHE A 82 -12.56 -25.14 -8.78
CA PHE A 82 -13.64 -25.34 -9.79
C PHE A 82 -14.39 -24.02 -9.93
N PRO A 83 -14.65 -23.51 -11.16
CA PRO A 83 -15.09 -22.12 -11.34
C PRO A 83 -16.59 -21.83 -11.12
N ILE A 84 -17.35 -22.79 -10.59
CA ILE A 84 -18.80 -22.60 -10.27
C ILE A 84 -19.02 -23.02 -8.82
N TYR A 85 -19.55 -22.11 -8.02
CA TYR A 85 -19.80 -22.34 -6.57
C TYR A 85 -21.28 -22.21 -6.27
N VAL A 86 -21.67 -22.78 -5.12
CA VAL A 86 -23.05 -22.77 -4.55
C VAL A 86 -22.97 -22.04 -3.21
N GLU A 87 -23.62 -20.87 -3.10
CA GLU A 87 -23.56 -19.99 -1.89
C GLU A 87 -24.88 -20.12 -1.11
N ASN A 88 -26.01 -20.16 -1.80
CA ASN A 88 -27.35 -20.33 -1.15
C ASN A 88 -28.30 -20.94 -2.17
N GLY A 89 -28.05 -22.19 -2.56
CA GLY A 89 -28.76 -22.87 -3.66
C GLY A 89 -28.58 -22.16 -5.00
N LYS A 90 -27.86 -21.03 -5.02
CA LYS A 90 -27.64 -20.20 -6.24
C LYS A 90 -26.24 -20.47 -6.80
N TYR A 91 -26.17 -20.77 -8.09
CA TYR A 91 -24.90 -21.09 -8.82
C TYR A 91 -24.31 -19.81 -9.41
N TYR A 92 -23.05 -19.52 -9.07
CA TYR A 92 -22.29 -18.31 -9.48
C TYR A 92 -20.94 -18.70 -10.08
N TYR A 93 -20.49 -17.93 -11.08
CA TYR A 93 -19.14 -18.02 -11.68
C TYR A 93 -18.16 -17.25 -10.81
N THR A 94 -17.04 -17.87 -10.44
CA THR A 94 -15.84 -17.20 -9.88
C THR A 94 -15.40 -16.10 -10.84
N TYR A 95 -15.36 -16.42 -12.14
CA TYR A 95 -15.04 -15.48 -13.24
C TYR A 95 -15.78 -14.16 -13.03
N ASP A 96 -17.11 -14.25 -12.87
CA ASP A 96 -18.04 -13.10 -12.79
C ASP A 96 -17.79 -12.32 -11.49
N ARG A 97 -17.82 -12.98 -10.34
CA ARG A 97 -17.50 -12.38 -9.02
C ARG A 97 -16.21 -11.55 -9.15
N ASP A 98 -15.20 -12.09 -9.83
CA ASP A 98 -13.86 -11.47 -10.02
C ASP A 98 -14.01 -10.15 -10.77
N ILE A 99 -14.83 -10.12 -11.83
CA ILE A 99 -15.14 -8.84 -12.56
C ILE A 99 -15.71 -7.84 -11.54
N ARG A 100 -16.88 -8.11 -10.96
CA ARG A 100 -17.66 -7.11 -10.18
C ARG A 100 -16.93 -6.73 -8.88
N GLU A 101 -16.05 -7.58 -8.35
CA GLU A 101 -15.19 -7.24 -7.16
C GLU A 101 -14.10 -6.24 -7.58
N TYR A 102 -13.62 -6.34 -8.84
CA TYR A 102 -12.62 -5.43 -9.46
C TYR A 102 -13.21 -4.01 -9.62
N LYS A 103 -14.47 -3.94 -10.08
CA LYS A 103 -15.21 -2.69 -10.31
C LYS A 103 -15.46 -1.92 -8.99
N SER A 104 -15.85 -2.61 -7.92
CA SER A 104 -16.07 -2.02 -6.56
C SER A 104 -14.85 -1.21 -6.14
N GLU A 105 -13.66 -1.81 -6.29
CA GLU A 105 -12.38 -1.30 -5.75
C GLU A 105 -11.88 -0.09 -6.56
N ASN A 106 -12.54 0.26 -7.67
CA ASN A 106 -12.22 1.45 -8.51
C ASN A 106 -13.45 2.36 -8.69
N GLY A 107 -14.62 1.97 -8.19
CA GLY A 107 -15.84 2.79 -8.24
C GLY A 107 -16.52 2.73 -9.60
N ILE A 108 -16.13 1.79 -10.46
CA ILE A 108 -16.80 1.57 -11.78
C ILE A 108 -18.18 1.01 -11.51
N PRO A 109 -19.26 1.67 -11.97
CA PRO A 109 -20.61 1.15 -11.75
C PRO A 109 -20.72 -0.27 -12.32
N ASN A 110 -21.19 -1.22 -11.50
CA ASN A 110 -21.20 -2.68 -11.84
C ASN A 110 -21.91 -2.97 -13.18
N ASP A 111 -22.69 -2.04 -13.73
CA ASP A 111 -23.42 -2.27 -15.00
C ASP A 111 -22.64 -1.63 -16.15
N TYR A 112 -21.36 -1.31 -15.95
CA TYR A 112 -20.42 -0.86 -17.01
C TYR A 112 -19.83 -2.10 -17.68
N ASN A 113 -19.82 -2.13 -19.02
CA ASN A 113 -19.12 -3.20 -19.80
C ASN A 113 -17.63 -2.84 -19.82
N ALA A 114 -16.80 -3.71 -20.40
CA ALA A 114 -15.32 -3.72 -20.22
C ALA A 114 -14.69 -2.44 -20.75
N LYS A 115 -15.09 -1.98 -21.96
CA LYS A 115 -14.56 -0.74 -22.59
C LYS A 115 -14.92 0.47 -21.71
N GLU A 116 -16.20 0.59 -21.34
CA GLU A 116 -16.74 1.65 -20.44
C GLU A 116 -15.95 1.62 -19.12
N SER A 117 -15.77 0.43 -18.54
CA SER A 117 -14.96 0.20 -17.32
C SER A 117 -13.55 0.74 -17.56
N PHE A 118 -12.96 0.44 -18.72
CA PHE A 118 -11.55 0.79 -19.07
C PHE A 118 -11.37 2.31 -19.06
N TYR A 119 -12.16 3.05 -19.84
CA TYR A 119 -11.96 4.51 -20.01
C TYR A 119 -12.23 5.19 -18.66
N TYR A 120 -13.28 4.75 -17.93
CA TYR A 120 -13.61 5.24 -16.57
C TYR A 120 -12.34 5.37 -15.71
N LEU A 121 -11.46 4.39 -15.83
CA LEU A 121 -10.16 4.33 -15.09
C LEU A 121 -9.17 5.36 -15.66
N VAL A 122 -9.30 5.70 -16.94
CA VAL A 122 -8.44 6.70 -17.64
C VAL A 122 -8.88 8.09 -17.16
N ASP A 123 -10.18 8.35 -17.32
CA ASP A 123 -10.88 9.56 -16.83
C ASP A 123 -10.43 9.80 -15.38
N LYS A 124 -10.54 8.78 -14.53
CA LYS A 124 -10.10 8.80 -13.11
C LYS A 124 -8.73 9.46 -13.00
N LEU A 125 -7.76 9.06 -13.82
CA LEU A 125 -6.33 9.42 -13.66
C LEU A 125 -6.01 10.75 -14.38
N ILE A 126 -6.65 11.05 -15.52
CA ILE A 126 -6.54 12.39 -16.17
C ILE A 126 -6.87 13.46 -15.12
N SER A 127 -8.08 13.38 -14.55
CA SER A 127 -8.61 14.27 -13.49
C SER A 127 -7.61 14.37 -12.34
N ALA A 128 -6.82 13.31 -12.09
CA ALA A 128 -5.84 13.15 -10.97
C ALA A 128 -4.43 13.66 -11.35
N GLY A 129 -4.25 14.22 -12.56
CA GLY A 129 -3.00 14.82 -13.05
C GLY A 129 -1.92 13.79 -13.37
N ILE A 130 -2.32 12.54 -13.64
CA ILE A 130 -1.40 11.39 -13.94
C ILE A 130 -1.30 11.22 -15.45
N LEU A 131 -2.36 11.51 -16.21
CA LEU A 131 -2.32 11.55 -17.71
C LEU A 131 -2.66 12.97 -18.16
N SER A 132 -2.95 13.18 -19.45
CA SER A 132 -3.53 14.45 -20.00
C SER A 132 -4.84 14.14 -20.72
N GLN A 133 -5.70 15.15 -20.89
CA GLN A 133 -7.01 15.02 -21.60
C GLN A 133 -6.76 14.54 -23.03
N GLU A 134 -5.58 14.87 -23.60
CA GLU A 134 -5.21 14.58 -25.01
C GLU A 134 -4.89 13.09 -25.12
N ASP A 135 -3.93 12.63 -24.29
CA ASP A 135 -3.52 11.21 -24.16
C ASP A 135 -4.78 10.33 -24.12
N LYS A 136 -5.84 10.79 -23.44
CA LYS A 136 -7.12 10.07 -23.23
C LYS A 136 -7.48 9.24 -24.46
N ARG A 137 -7.25 9.75 -25.67
CA ARG A 137 -7.54 9.00 -26.91
C ARG A 137 -6.20 8.64 -27.58
N LEU A 138 -6.02 7.35 -27.91
CA LEU A 138 -4.78 6.78 -28.49
C LEU A 138 -5.08 5.35 -28.96
N ASP A 139 -4.09 4.64 -29.50
CA ASP A 139 -4.20 3.17 -29.70
C ASP A 139 -4.39 2.59 -28.29
N ALA A 140 -5.55 1.99 -28.00
CA ALA A 140 -5.90 1.42 -26.68
C ALA A 140 -4.68 0.68 -26.11
N THR A 141 -3.93 -0.04 -26.96
CA THR A 141 -2.72 -0.78 -26.55
C THR A 141 -1.67 0.21 -26.01
N ARG A 142 -1.46 1.34 -26.70
CA ARG A 142 -0.52 2.41 -26.24
C ARG A 142 -1.06 3.03 -24.94
N LEU A 143 -2.39 3.11 -24.81
CA LEU A 143 -3.11 3.73 -23.64
C LEU A 143 -3.11 2.77 -22.44
N GLN A 144 -3.27 1.46 -22.69
CA GLN A 144 -3.08 0.40 -21.66
C GLN A 144 -1.62 0.42 -21.20
N ALA A 145 -0.68 0.54 -22.15
CA ALA A 145 0.78 0.63 -21.91
C ALA A 145 1.09 1.82 -21.00
N LYS A 146 0.31 2.91 -21.11
CA LYS A 146 0.45 4.12 -20.25
C LYS A 146 -0.08 3.81 -18.84
N LEU A 147 -1.17 3.06 -18.73
CA LEU A 147 -1.76 2.65 -17.42
C LEU A 147 -0.79 1.72 -16.69
N ASN A 148 -0.28 0.69 -17.39
CA ASN A 148 0.54 -0.41 -16.82
C ASN A 148 1.87 0.13 -16.27
N GLU A 149 2.70 0.77 -17.11
CA GLU A 149 3.98 1.41 -16.70
C GLU A 149 3.71 2.36 -15.52
N ASN A 150 2.50 2.94 -15.48
CA ASN A 150 2.07 3.91 -14.42
C ASN A 150 1.53 3.16 -13.19
N GLY A 151 1.30 1.85 -13.27
CA GLY A 151 1.06 0.99 -12.10
C GLY A 151 -0.37 0.50 -11.94
N TYR A 152 -1.29 0.85 -12.84
CA TYR A 152 -2.69 0.36 -12.83
C TYR A 152 -2.83 -0.74 -13.89
N TYR A 153 -2.98 -2.00 -13.45
CA TYR A 153 -3.13 -3.20 -14.31
C TYR A 153 -4.57 -3.67 -14.27
N PRO A 154 -5.42 -3.27 -15.25
CA PRO A 154 -6.85 -3.50 -15.18
C PRO A 154 -7.26 -4.73 -15.98
N PRO A 155 -7.88 -5.76 -15.34
CA PRO A 155 -8.08 -7.07 -15.99
C PRO A 155 -9.01 -7.10 -17.22
N ILE A 156 -8.54 -6.54 -18.34
CA ILE A 156 -9.29 -6.31 -19.61
C ILE A 156 -8.42 -6.68 -20.81
N LEU A 157 -9.01 -7.30 -21.83
CA LEU A 157 -8.41 -7.50 -23.17
C LEU A 157 -8.82 -6.32 -24.03
N VAL A 158 -7.85 -5.48 -24.42
CA VAL A 158 -8.09 -4.31 -25.32
C VAL A 158 -8.57 -4.83 -26.67
N SER A 159 -7.97 -5.91 -27.15
CA SER A 159 -8.17 -6.45 -28.51
C SER A 159 -9.67 -6.71 -28.76
N LYS A 160 -10.32 -7.54 -27.95
CA LYS A 160 -11.73 -7.95 -28.16
C LYS A 160 -12.67 -7.12 -27.28
N TRP A 161 -12.16 -6.09 -26.59
CA TRP A 161 -12.91 -5.29 -25.59
C TRP A 161 -13.68 -6.25 -24.67
N MET A 162 -12.97 -7.13 -23.98
CA MET A 162 -13.61 -8.07 -23.01
C MET A 162 -12.68 -8.28 -21.81
N PHE A 163 -13.25 -8.54 -20.63
CA PHE A 163 -12.50 -8.81 -19.38
C PHE A 163 -11.75 -10.15 -19.51
N THR A 164 -10.52 -10.24 -19.02
CA THR A 164 -9.72 -11.50 -19.09
C THR A 164 -10.61 -12.62 -18.56
N ALA A 165 -11.08 -12.50 -17.32
CA ALA A 165 -11.84 -13.53 -16.55
C ALA A 165 -13.14 -13.89 -17.27
N GLU A 166 -13.60 -13.11 -18.24
CA GLU A 166 -14.77 -13.47 -19.10
C GLU A 166 -14.28 -14.37 -20.24
N ARG A 167 -13.16 -14.01 -20.88
CA ARG A 167 -12.50 -14.82 -21.95
C ARG A 167 -12.23 -16.22 -21.38
N ASP A 168 -11.62 -16.29 -20.19
CA ASP A 168 -11.28 -17.54 -19.47
C ASP A 168 -12.55 -18.38 -19.26
N LYS A 169 -13.70 -17.74 -19.00
CA LYS A 169 -15.04 -18.40 -18.90
C LYS A 169 -15.44 -19.00 -20.26
N ARG A 170 -15.05 -18.38 -21.38
CA ARG A 170 -15.29 -18.93 -22.75
C ARG A 170 -14.43 -20.18 -22.92
N ASP A 171 -13.11 -20.01 -22.82
CA ASP A 171 -12.03 -21.02 -23.04
C ASP A 171 -12.25 -22.24 -22.14
N TRP A 172 -12.93 -22.08 -21.01
CA TRP A 172 -13.32 -23.17 -20.08
C TRP A 172 -14.51 -23.95 -20.68
N LEU A 173 -15.53 -23.24 -21.17
CA LEU A 173 -16.72 -23.88 -21.80
C LEU A 173 -16.33 -24.43 -23.18
N ALA A 174 -15.23 -23.95 -23.77
CA ALA A 174 -14.65 -24.45 -25.04
C ALA A 174 -14.01 -25.82 -24.81
N SER A 175 -13.33 -25.98 -23.68
CA SER A 175 -12.52 -27.18 -23.31
C SER A 175 -13.46 -28.35 -22.96
N TYR A 176 -14.60 -28.10 -22.32
CA TYR A 176 -15.69 -29.10 -22.13
C TYR A 176 -16.66 -29.08 -23.33
N LYS A 177 -16.19 -28.60 -24.50
CA LYS A 177 -16.93 -28.56 -25.79
C LYS A 177 -18.38 -28.12 -25.56
N ILE A 178 -18.57 -26.94 -24.94
CA ILE A 178 -19.86 -26.20 -24.84
C ILE A 178 -19.66 -24.84 -25.51
N LYS A 179 -19.56 -24.83 -26.84
CA LYS A 179 -19.33 -23.60 -27.67
C LYS A 179 -20.60 -22.74 -27.73
N GLU A 180 -21.70 -23.20 -27.13
CA GLU A 180 -23.01 -22.47 -27.08
C GLU A 180 -23.12 -21.65 -25.79
N THR A 181 -22.92 -20.33 -25.86
CA THR A 181 -22.74 -19.45 -24.68
C THR A 181 -24.04 -18.77 -24.24
N LYS A 182 -25.18 -19.49 -24.15
CA LYS A 182 -26.35 -18.93 -23.45
C LYS A 182 -25.93 -18.74 -21.99
N LEU A 183 -25.95 -17.51 -21.49
CA LEU A 183 -25.42 -17.21 -20.14
C LEU A 183 -26.23 -18.06 -19.15
N SER A 184 -25.55 -18.81 -18.28
CA SER A 184 -26.15 -19.64 -17.21
C SER A 184 -25.05 -20.14 -16.29
N ALA A 185 -25.37 -20.36 -15.01
CA ALA A 185 -24.42 -20.90 -14.02
C ALA A 185 -24.86 -22.30 -13.60
N LYS A 186 -26.10 -22.42 -13.13
CA LYS A 186 -26.75 -23.71 -12.76
C LYS A 186 -26.98 -24.55 -14.02
N GLU A 187 -27.46 -23.94 -15.11
CA GLU A 187 -27.72 -24.67 -16.38
C GLU A 187 -26.39 -25.10 -16.98
N ALA A 188 -25.35 -24.27 -16.86
CA ALA A 188 -23.98 -24.54 -17.38
C ALA A 188 -23.35 -25.67 -16.56
N PHE A 189 -23.55 -25.66 -15.23
CA PHE A 189 -23.11 -26.75 -14.32
C PHE A 189 -23.55 -28.09 -14.93
N GLU A 190 -24.84 -28.21 -15.27
CA GLU A 190 -25.47 -29.47 -15.78
C GLU A 190 -24.76 -29.90 -17.07
N LYS A 191 -24.54 -29.00 -18.02
CA LYS A 191 -23.83 -29.30 -19.29
C LYS A 191 -22.52 -30.02 -18.95
N VAL A 192 -21.76 -29.44 -18.01
CA VAL A 192 -20.37 -29.83 -17.62
C VAL A 192 -20.42 -31.17 -16.88
N ARG A 193 -21.49 -31.38 -16.10
CA ARG A 193 -21.76 -32.63 -15.34
C ARG A 193 -22.08 -33.75 -16.34
N ASN A 194 -23.14 -33.54 -17.14
CA ASN A 194 -23.62 -34.49 -18.18
C ASN A 194 -22.75 -34.32 -19.43
N SER A 195 -21.50 -33.90 -19.26
CA SER A 195 -20.58 -33.56 -20.38
C SER A 195 -20.11 -34.86 -21.07
N ASP A 196 -19.75 -34.75 -22.35
CA ASP A 196 -19.07 -35.79 -23.14
C ASP A 196 -17.79 -36.20 -22.39
N ALA A 197 -16.96 -35.21 -22.02
CA ALA A 197 -15.56 -35.38 -21.55
C ALA A 197 -15.49 -35.78 -20.06
N LEU A 198 -16.61 -35.77 -19.32
CA LEU A 198 -16.67 -36.12 -17.87
C LEU A 198 -17.70 -37.22 -17.61
N GLU A 199 -18.83 -37.19 -18.32
CA GLU A 199 -19.82 -38.29 -18.43
C GLU A 199 -20.07 -38.90 -17.05
N ILE A 200 -20.44 -38.05 -16.08
CA ILE A 200 -20.81 -38.45 -14.68
C ILE A 200 -22.12 -39.25 -14.74
N ASP A 201 -22.40 -40.04 -13.70
CA ASP A 201 -23.67 -40.77 -13.51
C ASP A 201 -24.80 -39.75 -13.27
N LYS A 202 -25.87 -39.84 -14.07
CA LYS A 202 -27.09 -38.99 -13.91
C LYS A 202 -27.78 -39.35 -12.59
N SER A 203 -27.61 -40.57 -12.10
CA SER A 203 -28.22 -41.10 -10.85
C SER A 203 -27.83 -40.22 -9.65
N LEU A 204 -26.60 -39.66 -9.65
CA LEU A 204 -25.92 -39.05 -8.49
C LEU A 204 -26.57 -37.72 -8.06
N SER A 205 -26.24 -37.26 -6.85
CA SER A 205 -26.66 -35.96 -6.27
C SER A 205 -25.89 -34.84 -6.98
N ASP A 206 -26.39 -33.59 -6.94
CA ASP A 206 -25.70 -32.38 -7.51
C ASP A 206 -24.59 -31.89 -6.55
N GLU A 207 -24.71 -32.18 -5.25
CA GLU A 207 -23.68 -31.90 -4.20
C GLU A 207 -22.51 -32.88 -4.38
N ASP A 208 -22.81 -34.15 -4.63
CA ASP A 208 -21.81 -35.22 -4.94
C ASP A 208 -21.12 -34.93 -6.28
N ALA A 209 -21.87 -34.55 -7.32
CA ALA A 209 -21.37 -34.33 -8.70
C ALA A 209 -20.25 -33.29 -8.69
N ARG A 210 -20.50 -32.10 -8.13
CA ARG A 210 -19.50 -31.01 -7.95
C ARG A 210 -18.23 -31.57 -7.31
N LYS A 211 -18.36 -32.21 -6.13
CA LYS A 211 -17.24 -32.87 -5.40
C LYS A 211 -16.40 -33.73 -6.34
N ILE A 212 -17.02 -34.39 -7.34
CA ILE A 212 -16.28 -35.17 -8.36
C ILE A 212 -15.59 -34.17 -9.29
N MET A 213 -16.34 -33.16 -9.73
CA MET A 213 -15.90 -32.15 -10.75
C MET A 213 -14.67 -31.39 -10.23
N VAL A 214 -14.65 -31.10 -8.92
CA VAL A 214 -13.47 -30.51 -8.21
C VAL A 214 -12.23 -31.23 -8.75
N VAL A 215 -12.12 -32.53 -8.49
CA VAL A 215 -10.97 -33.40 -8.85
C VAL A 215 -10.84 -33.46 -10.37
N ARG A 216 -11.95 -33.69 -11.08
CA ARG A 216 -11.91 -33.92 -12.54
C ARG A 216 -11.38 -32.64 -13.20
N ASP A 217 -11.86 -31.47 -12.76
CA ASP A 217 -11.44 -30.17 -13.36
C ASP A 217 -9.98 -29.87 -13.01
N LEU A 218 -9.54 -30.05 -11.74
CA LEU A 218 -8.11 -29.93 -11.31
C LEU A 218 -7.21 -30.59 -12.38
N ILE A 219 -7.38 -31.90 -12.52
CA ILE A 219 -6.56 -32.80 -13.38
C ILE A 219 -6.63 -32.27 -14.80
N LYS A 220 -7.84 -31.98 -15.27
CA LYS A 220 -8.12 -31.51 -16.66
C LYS A 220 -7.44 -30.17 -16.93
N SER A 221 -7.42 -29.25 -15.96
CA SER A 221 -6.83 -27.89 -16.12
C SER A 221 -5.30 -27.94 -16.22
N LYS A 222 -4.62 -28.99 -15.75
CA LYS A 222 -3.13 -29.04 -15.68
C LYS A 222 -2.51 -29.34 -17.06
N GLY A 223 -3.31 -29.65 -18.08
CA GLY A 223 -2.83 -29.80 -19.48
C GLY A 223 -2.95 -31.22 -19.99
N TYR A 224 -2.55 -31.46 -21.25
CA TYR A 224 -2.78 -32.71 -22.03
C TYR A 224 -1.79 -33.81 -21.67
N SER A 225 -0.47 -33.51 -21.67
CA SER A 225 0.64 -34.48 -21.52
C SER A 225 0.65 -35.11 -20.12
N GLN A 226 0.12 -34.41 -19.11
CA GLN A 226 -0.04 -34.88 -17.70
C GLN A 226 1.32 -35.31 -17.14
N TYR A 227 2.25 -34.35 -17.05
CA TYR A 227 3.65 -34.52 -16.57
C TYR A 227 3.68 -35.48 -15.37
N ASN A 228 3.01 -35.09 -14.28
CA ASN A 228 3.11 -35.73 -12.95
C ASN A 228 1.74 -35.71 -12.26
N PRO A 229 1.61 -36.36 -11.07
CA PRO A 229 0.38 -36.26 -10.28
C PRO A 229 0.04 -34.82 -9.89
N VAL A 230 -1.08 -34.67 -9.20
CA VAL A 230 -1.80 -33.38 -9.00
C VAL A 230 -2.18 -33.30 -7.54
N THR A 231 -1.66 -32.29 -6.83
CA THR A 231 -1.77 -32.18 -5.36
C THR A 231 -3.18 -31.69 -4.99
N ILE A 232 -4.05 -32.59 -4.50
CA ILE A 232 -5.48 -32.31 -4.23
C ILE A 232 -5.64 -31.78 -2.79
N ALA A 233 -4.72 -32.09 -1.87
CA ALA A 233 -4.72 -31.57 -0.47
C ALA A 233 -3.28 -31.35 0.03
N LYS A 234 -2.97 -30.13 0.48
CA LYS A 234 -1.56 -29.64 0.62
C LYS A 234 -0.97 -30.01 1.99
N ASP A 235 -1.79 -30.46 2.94
CA ASP A 235 -1.40 -30.75 4.35
C ASP A 235 -2.44 -31.69 4.97
N VAL A 236 -2.04 -32.83 5.57
CA VAL A 236 -2.98 -33.87 6.09
C VAL A 236 -2.46 -34.52 7.37
N GLY A 237 -3.37 -34.86 8.29
CA GLY A 237 -3.11 -35.60 9.54
C GLY A 237 -2.82 -37.08 9.29
N GLU A 238 -2.43 -37.80 10.36
CA GLU A 238 -1.88 -39.19 10.36
C GLU A 238 -2.95 -40.20 9.94
N THR A 239 -4.23 -39.88 10.17
CA THR A 239 -5.42 -40.72 9.88
C THR A 239 -5.59 -40.94 8.38
N THR A 240 -5.60 -39.84 7.62
CA THR A 240 -5.74 -39.82 6.14
C THR A 240 -4.60 -40.61 5.50
N ILE A 241 -3.36 -40.38 5.93
CA ILE A 241 -2.14 -41.00 5.33
C ILE A 241 -2.22 -42.52 5.49
N ALA A 242 -2.83 -42.96 6.60
CA ALA A 242 -3.14 -44.38 6.89
C ALA A 242 -4.20 -44.88 5.90
N GLN A 243 -5.35 -44.23 5.85
CA GLN A 243 -6.55 -44.69 5.09
C GLN A 243 -6.36 -44.56 3.57
N ILE A 244 -5.41 -43.78 3.08
CA ILE A 244 -5.12 -43.66 1.61
C ILE A 244 -4.16 -44.78 1.19
N GLU A 245 -3.19 -45.11 2.06
CA GLU A 245 -2.21 -46.22 1.83
C GLU A 245 -2.92 -47.56 2.04
N GLU A 246 -3.72 -47.68 3.11
CA GLU A 246 -4.58 -48.85 3.43
C GLU A 246 -5.52 -49.12 2.25
N SER A 247 -6.47 -48.20 2.00
CA SER A 247 -7.55 -48.28 0.98
C SER A 247 -6.97 -48.11 -0.44
N ALA A 248 -5.77 -48.65 -0.71
CA ALA A 248 -4.98 -48.41 -1.95
C ALA A 248 -5.67 -49.02 -3.18
N MET A 249 -6.44 -50.10 -2.97
CA MET A 249 -7.05 -50.93 -4.04
C MET A 249 -8.22 -50.20 -4.70
N ASP A 250 -9.09 -49.56 -3.90
CA ASP A 250 -10.11 -48.58 -4.36
C ASP A 250 -9.43 -47.49 -5.21
N LEU A 251 -8.55 -46.70 -4.57
CA LEU A 251 -8.14 -45.32 -4.96
C LEU A 251 -6.90 -45.37 -5.87
N VAL A 252 -7.06 -45.86 -7.11
CA VAL A 252 -5.94 -46.31 -7.95
C VAL A 252 -4.92 -45.17 -8.02
N GLY A 253 -5.31 -44.02 -8.58
CA GLY A 253 -4.37 -42.91 -8.85
C GLY A 253 -3.93 -42.16 -7.60
N VAL A 254 -4.53 -42.43 -6.44
CA VAL A 254 -4.28 -41.65 -5.21
C VAL A 254 -3.01 -42.19 -4.54
N SER A 255 -2.20 -41.27 -4.00
CA SER A 255 -0.93 -41.53 -3.28
C SER A 255 -0.69 -40.43 -2.22
N ILE A 256 0.25 -40.69 -1.31
CA ILE A 256 0.81 -39.69 -0.36
C ILE A 256 2.23 -39.32 -0.81
N ALA A 257 2.53 -38.02 -0.85
CA ALA A 257 3.88 -37.44 -1.12
C ALA A 257 4.27 -36.54 0.06
N VAL A 258 5.57 -36.33 0.22
CA VAL A 258 6.06 -35.31 1.18
C VAL A 258 6.57 -34.14 0.35
N GLU A 259 6.08 -32.95 0.65
CA GLU A 259 6.44 -31.70 -0.06
C GLU A 259 6.86 -30.69 1.00
N PRO A 260 7.95 -29.90 0.76
CA PRO A 260 8.31 -28.78 1.63
C PRO A 260 7.41 -27.57 1.41
N VAL A 261 7.06 -26.87 2.49
CA VAL A 261 6.36 -25.56 2.45
C VAL A 261 7.27 -24.51 3.11
N ARG A 262 7.08 -23.23 2.79
CA ARG A 262 7.69 -22.11 3.56
C ARG A 262 6.96 -21.95 4.90
N TYR A 263 7.67 -21.48 5.92
CA TYR A 263 7.08 -21.26 7.26
C TYR A 263 7.90 -20.17 7.98
N TYR A 264 7.17 -19.37 8.76
CA TYR A 264 7.67 -18.22 9.53
C TYR A 264 7.36 -18.48 11.00
N PRO A 265 8.30 -19.08 11.73
CA PRO A 265 8.12 -19.47 13.13
C PRO A 265 7.43 -18.45 14.02
N ASN A 266 7.85 -17.19 13.93
CA ASN A 266 7.38 -16.06 14.79
C ASN A 266 6.14 -15.40 14.16
N GLY A 267 5.48 -16.09 13.22
CA GLY A 267 4.29 -15.60 12.53
C GLY A 267 4.48 -14.24 11.90
N SER A 268 3.59 -13.31 12.23
CA SER A 268 3.50 -11.95 11.63
C SER A 268 4.65 -11.04 12.08
N LEU A 269 5.59 -11.52 12.89
CA LEU A 269 6.72 -10.67 13.33
C LEU A 269 7.48 -10.26 12.07
N ALA A 270 7.66 -8.96 11.89
CA ALA A 270 8.43 -8.33 10.80
C ALA A 270 7.88 -8.74 9.42
N SER A 271 6.57 -8.98 9.30
CA SER A 271 5.96 -9.48 8.05
C SER A 271 6.37 -8.63 6.82
N HIS A 272 6.31 -7.29 6.89
CA HIS A 272 6.53 -6.42 5.70
C HIS A 272 7.98 -6.48 5.23
N MET A 273 8.95 -6.40 6.14
CA MET A 273 10.39 -6.52 5.80
C MET A 273 10.62 -7.91 5.19
N LEU A 274 10.21 -8.98 5.88
CA LEU A 274 10.34 -10.38 5.35
C LEU A 274 9.57 -10.52 4.05
N GLY A 275 8.34 -10.06 4.02
CA GLY A 275 7.42 -10.31 2.90
C GLY A 275 6.94 -11.75 2.92
N TYR A 276 6.67 -12.29 1.75
CA TYR A 276 6.06 -13.64 1.63
C TYR A 276 6.29 -14.22 0.23
N VAL A 277 6.20 -15.55 0.19
CA VAL A 277 6.18 -16.36 -1.05
C VAL A 277 4.74 -16.79 -1.28
N GLY A 278 4.31 -16.84 -2.54
CA GLY A 278 3.00 -17.37 -2.97
C GLY A 278 3.03 -17.79 -4.44
N LYS A 279 1.82 -18.05 -5.00
CA LYS A 279 1.56 -18.32 -6.44
C LYS A 279 2.21 -17.23 -7.29
N MET A 280 2.79 -17.61 -8.44
CA MET A 280 3.18 -16.63 -9.47
C MET A 280 1.96 -15.85 -9.90
N PRO A 281 1.91 -14.50 -9.84
CA PRO A 281 0.77 -13.77 -10.39
C PRO A 281 0.66 -14.16 -11.87
N SER A 282 -0.51 -14.67 -12.27
CA SER A 282 -0.73 -15.34 -13.60
C SER A 282 -0.20 -14.45 -14.73
N THR A 283 -0.39 -13.12 -14.64
CA THR A 283 0.25 -12.13 -15.53
C THR A 283 1.67 -12.56 -15.91
N GLN A 284 2.48 -12.93 -14.91
CA GLN A 284 3.95 -13.08 -15.06
C GLN A 284 4.36 -14.54 -15.29
N ILE A 285 3.46 -15.53 -15.13
CA ILE A 285 3.79 -16.98 -15.29
C ILE A 285 4.75 -17.16 -16.47
N GLU A 286 4.42 -16.57 -17.62
CA GLU A 286 5.23 -16.58 -18.87
C GLU A 286 6.65 -16.06 -18.57
N SER A 287 6.75 -14.86 -17.99
CA SER A 287 8.01 -14.21 -17.53
C SER A 287 8.88 -15.24 -16.76
N TYR A 288 8.29 -15.92 -15.76
CA TYR A 288 8.99 -16.82 -14.80
C TYR A 288 9.39 -18.12 -15.50
N LEU A 289 8.56 -18.66 -16.39
CA LEU A 289 8.86 -19.92 -17.14
C LEU A 289 10.06 -19.69 -18.09
N GLN A 290 10.20 -18.48 -18.66
CA GLN A 290 11.38 -18.09 -19.47
C GLN A 290 12.65 -17.99 -18.60
N LYS A 291 12.52 -17.70 -17.30
CA LYS A 291 13.67 -17.64 -16.33
C LYS A 291 14.03 -19.02 -15.79
N GLY A 292 13.18 -20.04 -16.01
CA GLY A 292 13.48 -21.47 -15.78
C GLY A 292 12.74 -22.06 -14.59
N TYR A 293 11.67 -21.40 -14.14
CA TYR A 293 10.82 -21.90 -13.05
C TYR A 293 9.92 -22.98 -13.63
N GLU A 294 9.50 -23.93 -12.80
CA GLU A 294 8.40 -24.88 -13.13
C GLU A 294 7.11 -24.10 -12.89
N THR A 295 5.94 -24.68 -13.12
CA THR A 295 4.64 -23.96 -13.10
C THR A 295 4.12 -23.91 -11.66
N GLY A 296 4.25 -25.03 -10.94
CA GLY A 296 3.74 -25.16 -9.56
C GLY A 296 4.49 -24.29 -8.56
N ASP A 297 5.67 -23.78 -8.95
CA ASP A 297 6.67 -23.13 -8.06
C ASP A 297 6.05 -21.95 -7.30
N MET A 298 6.43 -21.78 -6.05
CA MET A 298 6.12 -20.55 -5.25
C MET A 298 7.29 -19.58 -5.40
N VAL A 299 7.01 -18.29 -5.26
CA VAL A 299 8.03 -17.26 -5.55
C VAL A 299 7.90 -16.14 -4.52
N GLY A 300 8.94 -15.33 -4.41
CA GLY A 300 8.92 -14.15 -3.53
C GLY A 300 8.04 -13.09 -4.14
N LEU A 301 7.08 -12.58 -3.36
CA LEU A 301 6.02 -11.67 -3.89
C LEU A 301 6.13 -10.29 -3.27
N ALA A 302 6.77 -10.19 -2.10
CA ALA A 302 7.00 -8.92 -1.38
C ALA A 302 8.23 -9.06 -0.49
N GLY A 303 8.72 -7.91 -0.04
CA GLY A 303 9.81 -7.80 0.94
C GLY A 303 11.07 -8.50 0.45
N VAL A 304 11.85 -9.01 1.42
CA VAL A 304 13.20 -9.56 1.19
C VAL A 304 13.05 -10.90 0.46
N GLU A 305 11.91 -11.60 0.67
CA GLU A 305 11.60 -12.88 -0.02
C GLU A 305 11.65 -12.61 -1.52
N LYS A 306 11.17 -11.43 -1.94
CA LYS A 306 11.16 -11.04 -3.38
C LYS A 306 12.53 -10.50 -3.80
N SER A 307 13.10 -9.54 -3.06
CA SER A 307 14.37 -8.86 -3.44
C SER A 307 15.48 -9.90 -3.59
N ASN A 308 15.45 -10.94 -2.78
CA ASN A 308 16.52 -11.97 -2.77
C ASN A 308 15.99 -13.29 -3.31
N GLU A 309 14.88 -13.25 -4.05
CA GLU A 309 14.27 -14.44 -4.68
C GLU A 309 15.37 -15.29 -5.35
N SER A 310 16.13 -14.72 -6.28
CA SER A 310 17.22 -15.48 -6.96
C SER A 310 18.10 -16.13 -5.92
N ARG A 311 18.64 -15.35 -4.97
CA ARG A 311 19.57 -15.87 -3.94
C ARG A 311 18.93 -17.02 -3.14
N LEU A 312 17.73 -16.80 -2.61
CA LEU A 312 17.05 -17.77 -1.72
C LEU A 312 16.60 -18.99 -2.52
N ARG A 313 16.32 -18.82 -3.82
CA ARG A 313 15.75 -19.86 -4.71
C ARG A 313 16.68 -21.08 -4.72
N GLY A 314 17.99 -20.82 -4.65
CA GLY A 314 19.04 -21.82 -4.81
C GLY A 314 19.26 -22.12 -6.28
N THR A 315 19.93 -23.23 -6.57
CA THR A 315 20.26 -23.75 -7.93
C THR A 315 19.68 -25.16 -8.06
N ASP A 316 18.51 -25.32 -8.68
CA ASP A 316 17.81 -26.64 -8.60
C ASP A 316 18.51 -27.61 -9.55
N GLY A 317 18.20 -28.90 -9.38
CA GLY A 317 18.89 -30.03 -10.03
C GLY A 317 17.97 -30.77 -10.98
N TYR A 318 18.48 -31.88 -11.53
CA TYR A 318 17.85 -32.70 -12.59
C TYR A 318 18.29 -34.16 -12.47
N LYS A 319 17.50 -35.06 -13.05
CA LYS A 319 17.82 -36.50 -13.25
C LYS A 319 17.23 -36.91 -14.62
N MET A 320 17.46 -38.16 -15.05
CA MET A 320 17.05 -38.70 -16.38
C MET A 320 16.02 -39.83 -16.21
N VAL A 321 16.40 -40.92 -15.51
CA VAL A 321 15.57 -42.13 -15.21
C VAL A 321 14.89 -42.62 -16.48
N LYS A 322 15.65 -42.79 -17.57
CA LYS A 322 15.15 -43.22 -18.91
C LYS A 322 15.06 -44.74 -18.98
N SER A 335 21.93 -37.66 -13.03
CA SER A 335 21.49 -37.26 -11.67
C SER A 335 22.47 -36.24 -11.07
N LYS A 336 22.09 -34.95 -11.03
CA LYS A 336 22.86 -33.85 -10.39
C LYS A 336 22.05 -33.26 -9.24
N LYS A 337 22.73 -33.01 -8.11
CA LYS A 337 22.10 -32.56 -6.84
C LYS A 337 21.81 -31.07 -6.94
N PRO A 338 20.66 -30.59 -6.41
CA PRO A 338 20.43 -29.17 -6.29
C PRO A 338 21.26 -28.61 -5.12
N LYS A 339 21.74 -27.38 -5.25
CA LYS A 339 22.41 -26.59 -4.18
C LYS A 339 21.36 -25.68 -3.53
N SER A 340 21.30 -25.66 -2.19
CA SER A 340 20.30 -24.87 -1.42
C SER A 340 20.61 -23.38 -1.57
N GLY A 341 19.62 -22.54 -1.29
CA GLY A 341 19.77 -21.08 -1.33
C GLY A 341 20.74 -20.63 -0.25
N ASP A 342 21.48 -19.55 -0.48
CA ASP A 342 22.31 -18.91 0.56
C ASP A 342 21.35 -18.54 1.69
N THR A 343 21.78 -18.63 2.95
CA THR A 343 21.03 -18.13 4.11
C THR A 343 21.24 -16.61 4.15
N VAL A 344 20.15 -15.81 4.15
CA VAL A 344 20.17 -14.32 4.18
C VAL A 344 19.92 -13.89 5.63
N TYR A 345 20.87 -13.16 6.22
CA TYR A 345 20.78 -12.51 7.55
C TYR A 345 20.33 -11.06 7.38
N LEU A 346 19.22 -10.70 8.00
CA LEU A 346 18.68 -9.33 8.03
C LEU A 346 19.51 -8.53 9.02
N THR A 347 19.26 -7.23 9.14
CA THR A 347 19.90 -6.38 10.18
C THR A 347 19.05 -6.37 11.44
N LEU A 348 17.80 -6.84 11.42
CA LEU A 348 16.84 -6.64 12.54
C LEU A 348 17.30 -7.48 13.74
N ASP A 349 17.05 -6.98 14.95
CA ASP A 349 17.24 -7.74 16.20
C ASP A 349 15.91 -8.40 16.56
N LYS A 350 15.83 -9.73 16.47
CA LYS A 350 14.56 -10.46 16.68
C LYS A 350 13.90 -9.92 17.96
N ASP A 351 14.72 -9.70 18.99
CA ASP A 351 14.26 -9.31 20.35
C ASP A 351 13.79 -7.84 20.36
N LEU A 352 14.43 -6.94 19.61
CA LEU A 352 13.98 -5.53 19.54
C LEU A 352 12.74 -5.43 18.65
N GLN A 353 12.62 -6.29 17.65
CA GLN A 353 11.45 -6.32 16.74
C GLN A 353 10.22 -6.69 17.56
N GLU A 354 10.29 -7.76 18.37
CA GLU A 354 9.14 -8.25 19.18
C GLU A 354 8.57 -7.09 19.99
N VAL A 355 9.46 -6.36 20.67
CA VAL A 355 9.08 -5.20 21.52
C VAL A 355 8.32 -4.21 20.64
N SER A 356 8.86 -3.87 19.48
CA SER A 356 8.25 -2.83 18.61
C SER A 356 6.91 -3.30 18.05
N ASP A 357 6.79 -4.58 17.65
CA ASP A 357 5.50 -5.09 17.09
C ASP A 357 4.45 -5.11 18.20
N ASN A 358 4.83 -5.65 19.37
CA ASN A 358 3.98 -5.80 20.57
C ASN A 358 3.53 -4.40 21.04
N ALA A 359 4.45 -3.45 21.17
CA ALA A 359 4.16 -2.06 21.62
C ALA A 359 3.16 -1.37 20.67
N LEU A 360 3.35 -1.46 19.35
CA LEU A 360 2.42 -0.85 18.36
C LEU A 360 1.07 -1.55 18.45
N LYS A 361 1.07 -2.87 18.63
CA LYS A 361 -0.17 -3.69 18.70
C LYS A 361 -0.98 -3.23 19.91
N GLN A 362 -0.31 -2.97 21.05
CA GLN A 362 -0.96 -2.57 22.31
C GLN A 362 -1.64 -1.22 22.12
N ILE A 363 -0.90 -0.18 21.72
CA ILE A 363 -1.37 1.24 21.68
C ILE A 363 -2.60 1.39 20.78
N ILE A 364 -2.83 0.46 19.84
CA ILE A 364 -4.00 0.52 18.91
C ILE A 364 -5.18 -0.26 19.51
N GLU A 365 -4.90 -1.40 20.15
CA GLU A 365 -5.95 -2.27 20.73
C GLU A 365 -6.45 -1.66 22.03
N VAL A 366 -5.62 -0.89 22.74
CA VAL A 366 -6.03 -0.13 23.95
C VAL A 366 -6.76 1.16 23.54
N ALA A 367 -6.27 1.86 22.51
CA ALA A 367 -6.97 3.02 21.89
C ALA A 367 -8.31 2.55 21.28
N SER A 368 -8.36 1.33 20.75
CA SER A 368 -9.64 0.63 20.43
C SER A 368 -10.38 0.43 21.76
N LYS A 369 -11.65 0.85 21.84
CA LYS A 369 -12.36 0.99 23.13
C LYS A 369 -11.50 1.93 23.99
N GLY A 370 -11.01 1.47 25.14
CA GLY A 370 -10.10 2.22 26.03
C GLY A 370 -9.37 1.27 26.95
N GLY A 371 -8.57 1.81 27.90
CA GLY A 371 -7.87 1.03 28.93
C GLY A 371 -6.57 1.69 29.35
N THR A 372 -5.49 0.91 29.44
CA THR A 372 -4.12 1.38 29.84
C THR A 372 -3.04 0.61 29.06
N PHE A 373 -1.84 1.21 28.94
CA PHE A 373 -0.63 0.68 28.25
C PHE A 373 0.34 0.18 29.35
N LYS A 374 0.59 -1.13 29.38
CA LYS A 374 1.57 -1.76 30.31
C LYS A 374 2.98 -1.51 29.77
N SER A 375 3.92 -1.17 30.65
CA SER A 375 5.31 -0.82 30.27
C SER A 375 6.28 -1.24 31.38
N LYS A 376 7.27 -2.07 31.03
CA LYS A 376 8.43 -2.42 31.90
C LYS A 376 8.93 -1.15 32.61
N PHE A 377 8.74 0.04 32.02
CA PHE A 377 9.27 1.35 32.45
C PHE A 377 8.15 2.25 33.00
N GLY A 378 7.18 1.66 33.71
CA GLY A 378 6.10 2.39 34.40
C GLY A 378 4.94 2.72 33.46
N ASP A 379 3.76 2.15 33.72
CA ASP A 379 2.56 2.18 32.85
C ASP A 379 2.02 3.61 32.73
N LYS A 380 1.00 3.80 31.88
CA LYS A 380 0.16 5.04 31.77
C LYS A 380 -1.22 4.67 31.23
N PRO A 381 -2.33 5.22 31.77
CA PRO A 381 -3.65 4.95 31.22
C PRO A 381 -3.83 5.84 29.99
N ILE A 382 -4.60 5.39 28.99
CA ILE A 382 -4.87 6.19 27.75
C ILE A 382 -6.39 6.25 27.51
N SER A 383 -6.86 7.42 27.06
CA SER A 383 -8.29 7.76 26.81
C SER A 383 -8.93 6.78 25.81
N ALA A 384 -10.24 6.58 25.92
CA ALA A 384 -11.03 5.65 25.07
C ALA A 384 -11.45 6.34 23.77
N TYR A 385 -11.67 7.66 23.78
CA TYR A 385 -12.29 8.44 22.67
C TYR A 385 -11.29 8.68 21.52
N ALA A 386 -10.08 8.11 21.65
CA ALA A 386 -9.07 8.01 20.57
C ALA A 386 -9.38 6.82 19.67
N GLY A 387 -10.57 6.80 19.04
CA GLY A 387 -11.11 5.64 18.29
C GLY A 387 -10.76 5.65 16.81
N LYS A 388 -10.47 6.83 16.24
CA LYS A 388 -10.24 7.00 14.78
C LYS A 388 -8.89 6.40 14.35
N ALA A 389 -8.04 6.03 15.32
CA ALA A 389 -6.63 5.60 15.10
C ALA A 389 -6.56 4.08 14.86
N GLN A 390 -6.37 3.67 13.60
CA GLN A 390 -6.37 2.24 13.20
C GLN A 390 -4.95 1.75 12.85
N SER A 391 -4.08 2.63 12.36
CA SER A 391 -2.77 2.25 11.77
C SER A 391 -1.63 2.89 12.57
N ALA A 392 -0.39 2.45 12.32
CA ALA A 392 0.83 2.95 13.00
C ALA A 392 2.07 2.25 12.47
N ALA A 393 3.21 2.93 12.66
CA ALA A 393 4.52 2.57 12.08
C ALA A 393 5.64 3.01 13.02
N LEU A 394 6.78 2.32 12.98
CA LEU A 394 7.94 2.62 13.84
C LEU A 394 9.17 1.94 13.28
N ILE A 395 10.27 2.68 13.29
CA ILE A 395 11.60 2.22 12.79
C ILE A 395 12.64 2.70 13.80
N ALA A 396 13.62 1.84 14.09
CA ALA A 396 14.79 2.11 14.93
C ALA A 396 16.03 1.75 14.13
N ILE A 397 16.95 2.69 13.96
CA ILE A 397 18.18 2.48 13.15
C ILE A 397 19.42 2.82 13.96
N ASP A 398 20.51 2.17 13.57
CA ASP A 398 21.92 2.42 13.97
C ASP A 398 22.37 3.71 13.30
N VAL A 399 22.57 4.78 14.07
CA VAL A 399 22.84 6.14 13.52
C VAL A 399 24.27 6.20 12.98
N LYS A 400 25.07 5.16 13.07
CA LYS A 400 26.48 5.20 12.60
C LYS A 400 26.64 4.55 11.22
N ASN A 401 25.76 3.61 10.87
CA ASN A 401 25.88 2.73 9.67
C ASN A 401 24.52 2.42 9.00
N GLY A 402 23.43 3.05 9.43
CA GLY A 402 22.10 2.89 8.79
C GLY A 402 21.53 1.48 8.88
N GLU A 403 22.05 0.64 9.77
CA GLU A 403 21.46 -0.71 9.97
C GLU A 403 20.10 -0.49 10.63
N VAL A 404 19.05 -1.11 10.07
CA VAL A 404 17.65 -1.04 10.57
C VAL A 404 17.51 -2.15 11.59
N LEU A 405 17.36 -1.78 12.85
CA LEU A 405 17.40 -2.77 13.95
C LEU A 405 16.01 -3.34 14.17
N ALA A 406 14.97 -2.50 13.99
CA ALA A 406 13.55 -2.92 14.08
C ALA A 406 12.71 -2.06 13.14
N SER A 407 11.79 -2.70 12.40
CA SER A 407 10.86 -1.99 11.50
C SER A 407 9.50 -2.66 11.57
N SER A 408 8.51 -1.86 11.92
CA SER A 408 7.22 -2.34 12.44
C SER A 408 6.07 -1.48 11.91
N SER A 409 5.13 -2.07 11.17
CA SER A 409 3.97 -1.38 10.55
C SER A 409 2.72 -2.15 10.94
N TYR A 410 1.66 -1.44 11.34
CA TYR A 410 0.36 -2.05 11.75
C TYR A 410 -0.76 -1.30 11.05
N PRO A 411 -1.75 -2.03 10.50
CA PRO A 411 -1.86 -3.47 10.70
C PRO A 411 -0.92 -4.25 9.77
N ASN A 412 -0.83 -5.56 9.97
CA ASN A 412 0.16 -6.44 9.32
C ASN A 412 -0.52 -7.75 8.94
N TYR A 413 0.25 -8.80 8.74
CA TYR A 413 -0.29 -10.02 8.12
C TYR A 413 0.63 -11.19 8.48
N ASP A 414 0.12 -12.42 8.50
CA ASP A 414 0.92 -13.65 8.77
C ASP A 414 1.44 -14.14 7.43
N PRO A 415 2.75 -14.03 7.11
CA PRO A 415 3.30 -14.57 5.88
C PRO A 415 2.95 -16.03 5.61
N ASN A 416 2.70 -16.80 6.68
CA ASN A 416 2.35 -18.24 6.63
C ASN A 416 1.06 -18.48 5.82
N LYS A 417 0.13 -17.54 5.81
CA LYS A 417 -1.16 -17.68 5.10
C LYS A 417 -0.96 -17.66 3.59
N PHE A 418 0.15 -17.14 3.06
CA PHE A 418 0.44 -17.11 1.60
C PHE A 418 1.29 -18.32 1.16
N ALA A 419 1.90 -19.00 2.11
CA ALA A 419 2.79 -20.14 1.85
C ALA A 419 2.16 -21.12 0.86
N LYS A 420 0.99 -21.65 1.20
CA LYS A 420 0.24 -22.64 0.38
C LYS A 420 -0.26 -22.08 -0.95
N GLY A 421 -0.68 -20.82 -1.00
CA GLY A 421 -1.12 -20.22 -2.27
C GLY A 421 -2.58 -19.83 -2.27
N ILE A 422 -2.99 -19.09 -1.25
CA ILE A 422 -4.43 -18.70 -1.06
C ILE A 422 -4.65 -17.29 -1.63
N SER A 423 -4.73 -17.14 -2.95
CA SER A 423 -5.00 -15.84 -3.62
C SER A 423 -6.49 -15.69 -3.97
N THR A 424 -7.24 -16.81 -3.92
CA THR A 424 -8.68 -16.89 -4.29
C THR A 424 -9.47 -15.92 -3.40
N GLU A 425 -9.54 -16.17 -2.08
CA GLU A 425 -10.57 -15.56 -1.20
C GLU A 425 -9.99 -14.82 -0.01
N ASP A 426 -9.28 -15.51 0.88
CA ASP A 426 -8.85 -15.00 2.21
C ASP A 426 -7.96 -13.77 2.05
N TYR A 427 -7.31 -13.63 0.88
CA TYR A 427 -6.50 -12.45 0.48
C TYR A 427 -7.46 -11.31 0.08
N LYS A 428 -8.62 -11.65 -0.48
CA LYS A 428 -9.68 -10.66 -0.86
C LYS A 428 -10.54 -10.32 0.36
N ALA A 429 -10.62 -11.22 1.34
CA ALA A 429 -11.46 -11.09 2.56
C ALA A 429 -10.93 -9.97 3.47
N LEU A 430 -9.62 -9.93 3.77
CA LEU A 430 -9.08 -9.08 4.88
C LEU A 430 -7.84 -8.25 4.50
N GLN A 431 -7.19 -8.46 3.35
CA GLN A 431 -5.85 -7.87 3.05
C GLN A 431 -5.92 -6.46 2.44
N PRO A 432 -6.70 -6.17 1.38
CA PRO A 432 -6.90 -4.78 0.96
C PRO A 432 -7.93 -4.11 1.89
N LYS A 433 -7.78 -2.83 2.30
CA LYS A 433 -8.76 -2.23 3.26
C LYS A 433 -8.99 -0.72 3.06
N ASN A 434 -9.91 -0.18 3.89
CA ASN A 434 -10.58 1.15 3.84
C ASN A 434 -9.57 2.31 3.80
N PRO A 435 -9.79 3.45 3.07
CA PRO A 435 -10.75 3.61 1.98
C PRO A 435 -10.14 3.80 0.57
N ASN A 436 -9.32 2.83 0.12
CA ASN A 436 -8.43 2.92 -1.07
C ASN A 436 -7.42 4.07 -0.90
N ASP A 437 -7.26 4.54 0.35
CA ASP A 437 -6.17 5.43 0.84
C ASP A 437 -5.47 4.72 2.02
N LEU A 438 -4.21 4.37 1.80
CA LEU A 438 -3.54 3.23 2.46
C LEU A 438 -3.02 3.64 3.85
N LEU A 439 -3.01 4.95 4.16
CA LEU A 439 -2.49 5.54 5.43
C LEU A 439 -3.29 5.00 6.64
N ALA A 440 -4.54 4.58 6.44
CA ALA A 440 -5.41 4.00 7.50
C ALA A 440 -5.84 2.57 7.16
N GLY A 441 -5.40 2.04 6.01
CA GLY A 441 -6.07 0.94 5.27
C GLY A 441 -5.24 -0.33 5.19
N SER A 442 -4.77 -0.68 3.98
CA SER A 442 -4.24 -2.03 3.60
C SER A 442 -3.15 -2.51 4.56
N PRO A 443 -3.17 -3.80 4.97
CA PRO A 443 -2.11 -4.42 5.76
C PRO A 443 -0.87 -4.88 4.97
N LEU A 444 -1.00 -5.15 3.68
CA LEU A 444 0.15 -5.50 2.81
C LEU A 444 1.12 -4.33 2.76
N LEU A 445 0.61 -3.10 2.89
CA LEU A 445 1.43 -1.86 2.84
C LEU A 445 2.35 -1.76 4.07
N ASN A 446 3.63 -1.51 3.80
CA ASN A 446 4.70 -1.26 4.80
C ASN A 446 4.74 0.24 5.08
N LEU A 447 3.90 0.75 5.99
CA LEU A 447 3.82 2.22 6.23
C LEU A 447 5.21 2.83 6.44
N VAL A 448 6.19 2.07 6.92
CA VAL A 448 7.50 2.64 7.33
C VAL A 448 8.22 3.16 6.08
N THR A 449 8.06 2.48 4.95
CA THR A 449 8.74 2.82 3.69
C THR A 449 7.77 3.31 2.59
N GLN A 450 6.46 3.37 2.85
CA GLN A 450 5.47 3.55 1.76
C GLN A 450 4.39 4.55 2.17
N GLY A 451 4.28 4.88 3.44
CA GLY A 451 3.37 5.95 3.86
C GLY A 451 4.08 7.28 3.85
N GLU A 452 3.84 8.12 2.84
CA GLU A 452 4.21 9.55 2.89
C GLU A 452 3.20 10.27 3.78
N PHE A 453 3.64 10.80 4.90
CA PHE A 453 2.84 11.59 5.86
C PHE A 453 3.41 13.01 5.98
N GLN A 454 2.57 13.94 6.40
CA GLN A 454 3.05 15.29 6.72
C GLN A 454 4.05 15.10 7.86
N PRO A 455 5.27 15.65 7.78
CA PRO A 455 6.29 15.39 8.75
C PRO A 455 5.91 15.82 10.17
N GLY A 456 5.19 16.92 10.31
CA GLY A 456 4.86 17.34 11.68
C GLY A 456 5.87 18.34 12.18
N SER A 457 6.07 18.38 13.49
CA SER A 457 6.96 19.40 14.10
C SER A 457 8.35 18.84 14.35
N SER A 458 8.61 17.63 13.85
CA SER A 458 9.97 17.07 13.87
C SER A 458 10.82 17.92 12.93
N PHE A 459 10.22 18.33 11.83
CA PHE A 459 10.81 19.23 10.82
C PHE A 459 11.19 20.56 11.48
N LYS A 460 10.96 20.78 12.78
CA LYS A 460 11.32 22.11 13.35
C LYS A 460 12.84 22.26 13.53
N MET A 461 13.58 21.17 13.75
CA MET A 461 15.04 21.21 13.97
C MET A 461 15.76 21.46 12.65
N LEU A 462 15.05 21.20 11.55
CA LEU A 462 15.51 21.38 10.15
C LEU A 462 15.40 22.87 9.81
N THR A 463 14.24 23.48 10.05
CA THR A 463 13.98 24.94 9.99
C THR A 463 15.07 25.69 10.78
N SER A 464 15.17 25.35 12.07
CA SER A 464 16.13 25.91 13.06
C SER A 464 17.57 25.77 12.56
N MET A 465 18.00 24.57 12.16
CA MET A 465 19.35 24.34 11.60
C MET A 465 19.61 25.42 10.53
N ALA A 466 18.83 25.44 9.46
CA ALA A 466 19.05 26.38 8.35
C ALA A 466 19.18 27.81 8.94
N ALA A 467 18.27 28.23 9.81
CA ALA A 467 18.29 29.58 10.42
C ALA A 467 19.62 29.81 11.15
N LEU A 468 19.99 28.88 12.03
CA LEU A 468 21.27 28.87 12.78
C LEU A 468 22.43 29.08 11.80
N GLU A 469 22.34 28.42 10.65
CA GLU A 469 23.39 28.42 9.60
C GLU A 469 23.35 29.71 8.78
N ASN A 470 22.35 30.58 9.01
CA ASN A 470 22.25 31.92 8.40
C ASN A 470 22.39 32.94 9.52
N GLY A 471 23.11 32.54 10.57
CA GLY A 471 23.66 33.41 11.62
C GLY A 471 22.81 33.45 12.87
N LEU A 472 21.65 32.79 12.92
CA LEU A 472 20.75 32.94 14.09
C LEU A 472 21.52 32.64 15.39
N ASP A 473 21.31 33.45 16.41
CA ASP A 473 21.82 33.22 17.79
C ASP A 473 20.75 32.48 18.55
N PRO A 474 21.03 31.24 19.00
CA PRO A 474 20.08 30.46 19.79
C PRO A 474 19.34 31.27 20.86
N ASN A 475 20.01 32.24 21.47
CA ASN A 475 19.43 33.02 22.59
C ASN A 475 18.55 34.15 22.08
N PHE A 476 18.33 34.24 20.77
CA PHE A 476 17.45 35.33 20.29
C PHE A 476 16.09 35.06 20.93
N THR A 477 15.57 36.03 21.66
CA THR A 477 14.34 35.82 22.46
C THR A 477 13.22 36.72 21.94
N ILE A 478 11.99 36.22 21.97
CA ILE A 478 10.81 37.01 21.53
C ILE A 478 9.76 36.94 22.62
N ASN A 479 8.99 38.01 22.80
CA ASN A 479 7.84 37.99 23.74
C ASN A 479 6.66 37.37 22.96
N ASP A 480 6.30 36.12 23.27
CA ASP A 480 5.52 35.26 22.36
C ASP A 480 4.07 35.77 22.27
N PRO A 481 3.62 36.27 21.10
CA PRO A 481 2.20 36.58 20.89
C PRO A 481 1.27 35.38 21.13
N GLY A 482 1.73 34.17 20.81
CA GLY A 482 0.88 32.98 20.77
C GLY A 482 0.21 32.84 19.41
N VAL A 483 0.19 33.92 18.63
CA VAL A 483 -0.54 34.00 17.33
C VAL A 483 0.03 35.14 16.48
N ILE A 484 0.23 34.88 15.19
CA ILE A 484 0.40 35.93 14.15
C ILE A 484 -0.95 36.04 13.43
N MET A 485 -1.39 37.28 13.20
CA MET A 485 -2.58 37.64 12.39
C MET A 485 -2.10 38.35 11.14
N LEU A 486 -1.33 37.66 10.29
CA LEU A 486 -0.84 38.24 9.01
C LEU A 486 -2.03 38.32 8.05
N GLY A 487 -2.85 37.27 7.99
CA GLY A 487 -4.05 37.23 7.15
C GLY A 487 -5.28 37.79 7.86
N LYS A 488 -6.43 37.71 7.21
CA LYS A 488 -7.77 37.70 7.84
C LYS A 488 -7.80 36.51 8.80
N LYS A 489 -7.12 35.41 8.40
CA LYS A 489 -7.02 34.10 9.08
C LYS A 489 -5.77 34.13 9.99
N SER A 490 -5.75 33.26 11.01
CA SER A 490 -4.76 33.27 12.13
C SER A 490 -3.87 32.02 12.16
N PHE A 491 -2.60 32.23 12.49
CA PHE A 491 -1.53 31.20 12.69
C PHE A 491 -1.03 31.30 14.12
N GLY A 492 -1.11 30.21 14.89
CA GLY A 492 -0.85 30.29 16.35
C GLY A 492 -0.47 28.98 16.99
N ASP A 493 0.17 29.07 18.15
CA ASP A 493 0.60 27.92 18.98
C ASP A 493 -0.63 27.13 19.39
N TYR A 494 -0.45 25.85 19.69
CA TYR A 494 -1.55 24.95 20.09
C TYR A 494 -2.14 25.45 21.40
N VAL A 495 -1.28 26.02 22.24
CA VAL A 495 -1.74 26.55 23.55
C VAL A 495 -2.59 27.78 23.32
N TRP A 496 -2.28 28.54 22.27
CA TRP A 496 -3.05 29.77 21.93
C TRP A 496 -4.30 29.40 21.15
N ASN A 497 -4.31 28.22 20.54
CA ASN A 497 -5.50 27.79 19.77
C ASN A 497 -6.54 27.18 20.70
N HIS A 498 -6.15 26.87 21.93
CA HIS A 498 -7.12 26.31 22.90
C HIS A 498 -7.45 27.38 23.94
N GLY A 499 -6.54 27.61 24.89
CA GLY A 499 -6.74 28.73 25.82
C GLY A 499 -6.08 29.98 25.26
N ARG A 500 -6.34 31.15 25.82
CA ARG A 500 -5.56 32.30 25.30
C ARG A 500 -4.14 31.91 25.68
N GLY A 501 -3.36 31.50 24.69
CA GLY A 501 -2.09 30.85 24.98
C GLY A 501 -0.90 31.74 24.87
N ASN A 502 0.23 31.24 25.35
CA ASN A 502 1.50 32.02 25.34
C ASN A 502 2.67 31.13 25.70
N HIS A 503 3.88 31.53 25.29
CA HIS A 503 5.11 30.80 25.69
C HIS A 503 5.97 31.81 26.44
N GLY A 504 5.59 33.09 26.37
CA GLY A 504 6.31 34.19 27.02
C GLY A 504 7.70 34.31 26.45
N MET A 505 8.68 34.64 27.29
CA MET A 505 10.11 34.81 26.91
C MET A 505 10.61 33.51 26.25
N THR A 506 10.80 33.53 24.92
CA THR A 506 11.13 32.34 24.11
C THR A 506 12.36 32.61 23.24
N ASN A 507 13.43 31.84 23.46
CA ASN A 507 14.59 31.68 22.54
C ASN A 507 14.47 30.28 21.91
N LEU A 508 15.39 29.93 21.01
CA LEU A 508 15.36 28.67 20.22
C LEU A 508 15.17 27.47 21.16
N TYR A 509 15.91 27.44 22.26
CA TYR A 509 15.93 26.32 23.23
C TYR A 509 14.51 26.08 23.77
N LYS A 510 13.81 27.12 24.22
CA LYS A 510 12.41 27.02 24.71
C LYS A 510 11.46 26.74 23.52
N ALA A 511 11.73 27.38 22.39
CA ALA A 511 11.00 27.14 21.12
C ALA A 511 10.93 25.63 20.87
N ILE A 512 12.09 24.99 20.63
CA ILE A 512 12.18 23.52 20.38
C ILE A 512 11.53 22.77 21.54
N GLN A 513 11.78 23.18 22.77
CA GLN A 513 11.39 22.44 24.00
C GLN A 513 9.86 22.38 24.17
N GLU A 514 9.14 23.45 23.90
CA GLU A 514 7.66 23.50 24.11
C GLU A 514 6.94 23.49 22.75
N SER A 515 7.69 23.54 21.65
CA SER A 515 7.22 23.51 20.24
C SER A 515 6.46 24.80 19.86
N CYS A 516 7.02 25.97 20.17
CA CYS A 516 6.46 27.29 19.77
C CYS A 516 6.42 27.40 18.25
N ASN A 517 5.23 27.61 17.69
CA ASN A 517 5.09 27.72 16.22
C ASN A 517 5.44 29.13 15.78
N ILE A 518 5.18 30.11 16.64
CA ILE A 518 5.42 31.53 16.27
C ILE A 518 6.92 31.69 16.05
N TYR A 519 7.73 31.26 17.04
CA TYR A 519 9.19 31.42 17.00
C TYR A 519 9.69 30.91 15.66
N MET A 520 9.14 29.78 15.28
CA MET A 520 9.58 28.96 14.13
C MET A 520 9.23 29.72 12.83
N ALA A 521 8.07 30.38 12.79
CA ALA A 521 7.61 31.19 11.63
C ALA A 521 8.56 32.38 11.47
N THR A 522 8.92 33.00 12.59
CA THR A 522 9.74 34.24 12.70
C THR A 522 11.14 34.02 12.12
N ILE A 523 11.84 32.97 12.58
CA ILE A 523 13.18 32.59 12.07
C ILE A 523 13.00 31.93 10.70
N GLY A 524 11.83 31.36 10.41
CA GLY A 524 11.54 30.72 9.11
C GLY A 524 11.63 31.73 7.97
N THR A 525 11.06 32.91 8.23
CA THR A 525 10.94 34.03 7.27
C THR A 525 12.07 35.02 7.48
N GLY A 526 12.73 34.94 8.64
CA GLY A 526 13.83 35.82 9.05
C GLY A 526 13.31 37.24 9.19
N LYS A 527 12.04 37.34 9.55
CA LYS A 527 11.34 38.61 9.78
C LYS A 527 10.46 38.49 11.02
N THR A 528 9.94 39.61 11.50
CA THR A 528 9.02 39.60 12.66
C THR A 528 7.68 40.09 12.12
N TRP A 529 6.59 39.41 12.43
CA TRP A 529 5.29 39.78 11.81
C TRP A 529 4.32 40.40 12.81
N PRO A 530 3.53 41.39 12.35
CA PRO A 530 3.90 42.15 11.16
C PRO A 530 4.69 43.41 11.52
N ASP A 531 4.93 43.58 12.83
CA ASP A 531 5.46 44.79 13.50
C ASP A 531 6.85 45.26 13.04
N GLY A 532 7.82 44.40 12.74
CA GLY A 532 9.12 45.01 12.40
C GLY A 532 9.73 44.47 11.13
N LYS A 533 9.20 43.36 10.67
CA LYS A 533 9.73 42.67 9.46
C LYS A 533 11.16 42.18 9.73
N SER A 534 12.14 42.49 8.89
CA SER A 534 13.44 41.78 9.01
C SER A 534 14.16 41.81 10.36
N ILE A 535 14.73 40.66 10.68
CA ILE A 535 15.64 40.45 11.85
C ILE A 535 17.07 40.39 11.30
N GLY A 536 18.06 40.00 12.08
CA GLY A 536 19.44 40.09 11.57
C GLY A 536 19.81 39.01 10.56
N ILE A 537 18.86 38.16 10.13
CA ILE A 537 19.17 36.95 9.30
C ILE A 537 18.36 36.94 8.00
N ASP A 538 18.99 36.37 6.97
CA ASP A 538 18.45 36.17 5.61
C ASP A 538 17.84 34.76 5.56
N MET A 539 16.57 34.62 5.95
CA MET A 539 15.86 33.31 6.00
C MET A 539 14.55 33.36 5.20
N ASN A 540 14.19 32.24 4.57
CA ASN A 540 13.07 32.16 3.58
C ASN A 540 12.76 30.69 3.32
N ALA A 541 11.56 30.38 2.81
CA ALA A 541 11.09 29.00 2.52
C ALA A 541 12.10 28.22 1.68
N ASN A 542 12.69 28.85 0.67
CA ASN A 542 13.66 28.18 -0.24
C ASN A 542 14.79 27.56 0.60
N LYS A 543 15.38 28.32 1.50
CA LYS A 543 16.48 27.87 2.40
C LYS A 543 16.02 26.74 3.32
N ILE A 544 14.77 26.79 3.80
CA ILE A 544 14.18 25.70 4.63
C ILE A 544 14.19 24.41 3.81
N LEU A 545 13.81 24.48 2.54
CA LEU A 545 13.79 23.32 1.63
C LEU A 545 15.22 22.97 1.21
N GLU A 546 16.14 23.93 1.23
CA GLU A 546 17.55 23.66 0.87
C GLU A 546 18.09 22.68 1.90
N TYR A 547 17.67 22.81 3.17
CA TYR A 547 18.20 22.02 4.31
C TYR A 547 17.45 20.69 4.36
N ALA A 548 16.14 20.73 4.14
CA ALA A 548 15.32 19.52 3.97
C ALA A 548 16.03 18.63 2.96
N LYS A 549 16.50 19.21 1.84
CA LYS A 549 17.24 18.43 0.80
C LYS A 549 18.53 17.84 1.39
N LEU A 550 19.29 18.64 2.16
CA LEU A 550 20.63 18.29 2.70
C LEU A 550 20.52 17.13 3.69
N PHE A 551 19.40 17.04 4.41
CA PHE A 551 19.06 15.95 5.36
C PHE A 551 18.42 14.77 4.62
N GLY A 552 18.44 14.82 3.28
CA GLY A 552 18.15 13.69 2.36
C GLY A 552 16.68 13.33 2.37
N LEU A 553 15.81 14.31 2.56
CA LEU A 553 14.35 14.11 2.51
C LEU A 553 13.89 14.05 1.08
N ASP A 554 14.78 14.30 0.10
CA ASP A 554 14.44 14.27 -1.34
C ASP A 554 14.90 12.94 -1.95
N GLN A 555 15.61 12.09 -1.20
CA GLN A 555 16.26 10.87 -1.76
C GLN A 555 15.60 9.58 -1.20
N ASN A 556 15.74 8.49 -1.93
CA ASN A 556 15.42 7.13 -1.42
C ASN A 556 16.38 6.77 -0.27
N THR A 557 15.86 6.04 0.71
CA THR A 557 16.51 5.71 2.01
C THR A 557 17.73 4.81 1.81
N GLY A 558 17.68 3.86 0.87
CA GLY A 558 18.63 2.74 0.83
C GLY A 558 17.88 1.42 0.79
N LEU A 559 16.62 1.42 1.18
CA LEU A 559 15.83 0.18 1.30
C LEU A 559 15.18 -0.10 -0.05
N GLN A 560 15.22 0.89 -0.95
CA GLN A 560 14.44 0.91 -2.21
C GLN A 560 14.67 -0.39 -2.99
N ASP A 561 15.86 -0.99 -2.93
CA ASP A 561 16.20 -2.19 -3.74
C ASP A 561 16.21 -3.44 -2.88
N GLU A 562 15.90 -3.32 -1.59
CA GLU A 562 15.93 -4.46 -0.61
C GLU A 562 14.48 -4.89 -0.39
N VAL A 563 13.59 -3.91 -0.24
CA VAL A 563 12.13 -4.09 0.05
C VAL A 563 11.36 -2.96 -0.62
N GLU A 564 10.03 -3.04 -0.56
CA GLU A 564 9.10 -2.10 -1.22
C GLU A 564 9.12 -0.80 -0.43
N GLU A 565 9.55 0.29 -1.09
CA GLU A 565 9.59 1.68 -0.56
C GLU A 565 8.95 2.63 -1.58
N ARG A 566 8.17 3.61 -1.11
CA ARG A 566 7.58 4.71 -1.90
C ARG A 566 8.03 6.03 -1.26
N ALA A 567 9.24 6.47 -1.60
CA ALA A 567 9.93 7.65 -1.01
C ALA A 567 9.17 8.97 -1.27
N GLY A 568 9.23 9.92 -0.32
CA GLY A 568 8.66 11.26 -0.49
C GLY A 568 9.57 12.16 -1.34
N LYS A 569 9.09 13.36 -1.69
CA LYS A 569 9.85 14.38 -2.48
C LYS A 569 9.76 15.75 -1.77
N VAL A 570 10.91 16.43 -1.63
CA VAL A 570 11.02 17.82 -1.13
C VAL A 570 10.26 18.70 -2.13
N PRO A 571 9.23 19.45 -1.67
CA PRO A 571 8.62 20.51 -2.46
C PRO A 571 9.61 21.36 -3.26
N SER A 572 9.43 21.39 -4.58
CA SER A 572 10.32 22.07 -5.56
C SER A 572 9.93 23.55 -5.65
N THR A 573 10.86 24.45 -5.26
CA THR A 573 10.74 25.93 -5.38
C THR A 573 10.84 26.29 -6.87
N GLU A 574 11.65 25.51 -7.58
CA GLU A 574 11.95 25.61 -9.04
C GLU A 574 10.70 25.30 -9.88
N ASP A 575 9.84 24.38 -9.42
CA ASP A 575 8.65 23.90 -10.16
C ASP A 575 7.46 24.84 -9.91
N LYS A 576 7.62 25.77 -8.96
CA LYS A 576 6.67 26.90 -8.77
C LYS A 576 6.97 27.96 -9.84
N LEU A 577 8.25 28.36 -9.96
CA LEU A 577 8.72 29.46 -10.85
C LEU A 577 8.46 29.13 -12.34
N LYS A 578 8.93 27.97 -12.81
CA LYS A 578 8.86 27.51 -14.23
C LYS A 578 7.41 27.40 -14.72
N SER A 579 6.43 27.15 -13.83
CA SER A 579 4.97 27.22 -14.11
C SER A 579 4.31 28.27 -13.21
N ALA A 659 4.36 32.58 -8.09
CA ALA A 659 5.44 33.60 -8.17
C ALA A 659 6.65 33.14 -7.34
N LYS A 660 6.74 33.62 -6.09
CA LYS A 660 7.64 33.10 -5.00
C LYS A 660 6.79 32.27 -4.02
N TRP A 661 7.26 32.04 -2.79
CA TRP A 661 6.50 31.34 -1.72
C TRP A 661 5.78 32.38 -0.85
N SER A 662 4.46 32.25 -0.74
CA SER A 662 3.62 33.03 0.20
C SER A 662 4.30 33.06 1.58
N THR A 663 4.13 34.13 2.40
CA THR A 663 4.67 34.15 3.78
C THR A 663 3.66 33.51 4.75
N ALA A 664 2.79 32.62 4.25
CA ALA A 664 1.96 31.69 5.05
C ALA A 664 2.08 30.28 4.46
N ASP A 665 2.63 30.18 3.26
CA ASP A 665 3.21 28.90 2.78
C ASP A 665 4.59 28.72 3.45
N THR A 666 5.30 29.79 3.79
CA THR A 666 6.60 29.71 4.52
C THR A 666 6.33 29.29 5.96
N PHE A 667 5.24 29.77 6.56
CA PHE A 667 4.87 29.56 7.99
C PHE A 667 4.63 28.07 8.25
N ASN A 668 3.74 27.47 7.46
CA ASN A 668 3.34 26.04 7.56
C ASN A 668 4.56 25.17 7.25
N LEU A 669 5.12 25.34 6.06
CA LEU A 669 6.31 24.59 5.57
C LEU A 669 7.37 24.53 6.67
N ALA A 670 7.51 25.60 7.46
CA ALA A 670 8.54 25.79 8.50
C ALA A 670 8.25 25.00 9.78
N ILE A 671 7.08 24.36 9.89
CA ILE A 671 6.65 23.55 11.08
C ILE A 671 6.08 22.21 10.60
N GLY A 672 6.49 21.77 9.40
CA GLY A 672 6.25 20.44 8.81
C GLY A 672 4.85 20.26 8.24
N GLN A 673 4.21 21.36 7.82
CA GLN A 673 2.86 21.38 7.19
C GLN A 673 3.06 21.77 5.71
N GLY A 674 1.98 22.08 4.98
CA GLY A 674 2.06 22.29 3.52
C GLY A 674 2.32 20.99 2.78
N GLU A 675 3.07 21.04 1.69
CA GLU A 675 3.20 19.91 0.73
C GLU A 675 4.32 18.94 1.14
N ASN A 676 4.94 19.17 2.30
CA ASN A 676 5.92 18.22 2.90
C ASN A 676 5.19 16.88 3.09
N ALA A 677 5.86 15.76 2.80
CA ALA A 677 5.29 14.40 2.84
C ALA A 677 6.39 13.36 2.59
N TYR A 678 6.76 12.63 3.64
CA TYR A 678 7.96 11.79 3.67
C TYR A 678 7.64 10.52 4.45
N THR A 679 8.27 9.39 4.10
CA THR A 679 8.19 8.11 4.84
C THR A 679 8.81 8.32 6.20
N PRO A 680 8.37 7.62 7.26
CA PRO A 680 9.12 7.58 8.52
C PRO A 680 10.60 7.16 8.36
N ALA A 681 10.91 6.23 7.46
CA ALA A 681 12.28 5.78 7.19
C ALA A 681 13.14 6.95 6.69
N GLN A 682 12.60 7.85 5.87
CA GLN A 682 13.31 9.11 5.51
C GLN A 682 13.64 9.89 6.79
N ILE A 683 12.62 10.34 7.52
CA ILE A 683 12.74 11.04 8.84
C ILE A 683 13.81 10.36 9.72
N SER A 684 13.90 9.04 9.66
CA SER A 684 14.90 8.25 10.43
C SER A 684 16.32 8.72 10.08
N ARG A 685 16.63 8.90 8.79
CA ARG A 685 17.97 9.36 8.31
C ARG A 685 18.22 10.80 8.72
N TYR A 686 17.18 11.61 8.58
CA TYR A 686 17.21 13.06 8.90
C TYR A 686 17.71 13.17 10.33
N VAL A 687 17.00 12.52 11.25
CA VAL A 687 17.25 12.50 12.71
C VAL A 687 18.61 11.86 12.99
N ALA A 688 18.94 10.78 12.30
CA ALA A 688 20.26 10.10 12.45
C ALA A 688 21.39 11.13 12.24
N ALA A 689 21.27 12.00 11.22
CA ALA A 689 22.29 13.02 10.85
C ALA A 689 22.51 14.01 12.00
N ILE A 690 21.45 14.53 12.63
CA ILE A 690 21.60 15.28 13.91
C ILE A 690 22.40 14.41 14.90
N ALA A 691 21.94 13.19 15.13
CA ALA A 691 22.42 12.28 16.19
C ALA A 691 23.90 11.93 15.99
N ASN A 692 24.35 11.78 14.74
CA ASN A 692 25.70 11.23 14.42
C ASN A 692 26.66 12.36 13.99
N GLY A 693 26.39 13.62 14.37
CA GLY A 693 27.28 14.77 14.10
C GLY A 693 27.25 15.26 12.65
N GLY A 694 26.29 14.79 11.86
CA GLY A 694 25.95 15.37 10.55
C GLY A 694 26.35 14.47 9.42
N ASN A 695 26.11 13.16 9.54
CA ASN A 695 26.48 12.14 8.51
C ASN A 695 25.21 11.45 7.99
N LEU A 696 24.94 11.56 6.69
CA LEU A 696 23.73 11.00 6.04
C LEU A 696 23.92 9.50 5.78
N VAL A 697 23.36 8.64 6.61
CA VAL A 697 23.58 7.16 6.47
C VAL A 697 22.55 6.54 5.52
N GLU A 698 23.03 5.84 4.50
CA GLU A 698 22.24 4.95 3.61
C GLU A 698 21.74 3.73 4.42
N LEU A 699 20.42 3.60 4.62
CA LEU A 699 19.77 2.52 5.43
C LEU A 699 19.96 1.16 4.75
N SER A 700 20.01 0.11 5.55
CA SER A 700 20.02 -1.30 5.06
C SER A 700 19.18 -2.14 6.02
N VAL A 701 18.53 -3.17 5.46
CA VAL A 701 17.77 -4.18 6.23
C VAL A 701 18.32 -5.58 5.93
N VAL A 702 19.05 -5.78 4.82
CA VAL A 702 19.72 -7.08 4.49
C VAL A 702 21.20 -6.95 4.86
N ASP A 703 21.68 -7.72 5.84
CA ASP A 703 23.00 -7.51 6.49
C ASP A 703 24.02 -8.30 5.69
N ARG A 704 23.94 -9.64 5.76
CA ARG A 704 24.87 -10.58 5.07
C ARG A 704 24.16 -11.86 4.64
N ALA A 705 24.83 -12.62 3.79
CA ALA A 705 24.37 -13.93 3.29
C ALA A 705 25.45 -14.96 3.58
N VAL A 706 25.07 -16.22 3.81
CA VAL A 706 26.01 -17.37 4.02
C VAL A 706 25.58 -18.50 3.10
N SER A 707 26.53 -19.02 2.33
CA SER A 707 26.31 -20.13 1.36
C SER A 707 26.20 -21.45 2.12
N SER A 708 25.90 -22.53 1.39
CA SER A 708 25.88 -23.94 1.90
C SER A 708 27.20 -24.23 2.60
N ASP A 709 28.31 -23.78 1.98
CA ASP A 709 29.72 -24.02 2.40
C ASP A 709 30.20 -22.95 3.39
N TYR A 710 29.29 -22.34 4.16
CA TYR A 710 29.56 -21.45 5.31
C TYR A 710 30.44 -20.25 4.90
N SER A 711 30.56 -20.01 3.60
CA SER A 711 31.26 -18.82 3.08
C SER A 711 30.32 -17.64 3.38
N SER A 712 30.84 -16.49 3.80
CA SER A 712 29.93 -15.37 4.10
C SER A 712 30.25 -14.16 3.22
N VAL A 713 29.33 -13.21 3.14
CA VAL A 713 29.58 -11.97 2.37
C VAL A 713 28.80 -10.86 3.06
N LYS A 714 29.40 -9.70 3.27
CA LYS A 714 28.66 -8.58 3.91
C LYS A 714 27.99 -7.82 2.79
N ILE A 715 26.67 -7.87 2.74
CA ILE A 715 25.87 -7.23 1.66
C ILE A 715 25.82 -5.71 1.86
N ASN A 716 25.58 -5.22 3.08
CA ASN A 716 25.41 -3.77 3.40
C ASN A 716 26.78 -3.11 3.54
N ASP A 717 27.73 -3.58 2.75
CA ASP A 717 29.19 -3.31 2.84
C ASP A 717 29.51 -1.97 2.18
N GLN A 718 28.76 -1.60 1.15
CA GLN A 718 29.04 -0.48 0.24
C GLN A 718 28.02 0.63 0.51
N LYS A 719 27.49 0.69 1.73
CA LYS A 719 26.41 1.63 2.06
C LYS A 719 27.02 3.01 2.33
N LYS A 720 26.72 3.99 1.51
CA LYS A 720 27.32 5.34 1.65
C LYS A 720 27.10 5.82 3.09
N VAL A 721 28.15 6.31 3.76
CA VAL A 721 28.02 7.14 5.00
C VAL A 721 28.63 8.51 4.70
N GLU A 722 27.90 9.37 3.98
CA GLU A 722 28.49 10.55 3.32
C GLU A 722 28.21 11.81 4.16
N LYS A 723 29.27 12.56 4.47
CA LYS A 723 29.24 13.77 5.33
C LYS A 723 28.41 14.87 4.67
N ILE A 724 27.31 15.26 5.30
CA ILE A 724 26.48 16.43 4.89
C ILE A 724 27.38 17.65 4.92
N PRO A 725 27.50 18.40 3.80
CA PRO A 725 28.25 19.66 3.75
C PRO A 725 27.55 20.85 4.39
N PHE A 726 27.42 20.83 5.71
CA PHE A 726 26.93 21.95 6.54
C PHE A 726 27.99 23.04 6.66
N LYS A 727 27.59 24.30 6.65
CA LYS A 727 28.51 25.44 6.84
C LYS A 727 29.12 25.34 8.23
N ASN A 728 28.56 24.55 9.16
CA ASN A 728 29.18 24.36 10.50
C ASN A 728 28.45 23.27 11.31
N PRO A 729 28.89 21.99 11.24
CA PRO A 729 28.20 20.90 11.91
C PRO A 729 28.05 21.05 13.43
N ASP A 730 28.77 21.99 14.05
CA ASP A 730 28.66 22.23 15.52
C ASP A 730 27.27 22.78 15.81
N ASN A 731 26.62 23.39 14.81
CA ASN A 731 25.23 23.90 14.91
C ASN A 731 24.31 22.77 15.37
N LEU A 732 24.52 21.53 14.89
CA LEU A 732 23.66 20.36 15.23
C LEU A 732 23.60 20.19 16.75
N LYS A 733 24.64 20.65 17.47
CA LYS A 733 24.72 20.60 18.96
C LYS A 733 23.61 21.45 19.58
N GLU A 734 23.17 22.52 18.93
CA GLU A 734 22.04 23.33 19.45
C GLU A 734 20.75 22.47 19.36
N LEU A 735 20.52 21.82 18.22
CA LEU A 735 19.29 21.01 17.98
C LEU A 735 19.16 19.98 19.12
N THR A 736 20.27 19.31 19.44
CA THR A 736 20.29 18.30 20.54
C THR A 736 19.88 18.99 21.85
N LYS A 737 20.56 20.10 22.17
CA LYS A 737 20.41 20.84 23.46
C LYS A 737 18.92 21.09 23.69
N GLY A 738 18.25 21.55 22.64
CA GLY A 738 16.78 21.75 22.64
C GLY A 738 16.02 20.42 22.73
N MET A 739 16.42 19.43 21.94
CA MET A 739 15.69 18.15 21.87
C MET A 739 15.74 17.45 23.22
N LYS A 740 16.86 17.58 23.94
CA LYS A 740 17.01 17.00 25.30
C LYS A 740 16.00 17.68 26.23
N LEU A 741 15.84 19.01 26.15
CA LEU A 741 14.89 19.72 27.06
C LEU A 741 13.46 19.20 26.83
N VAL A 742 13.14 18.74 25.61
CA VAL A 742 11.81 18.18 25.24
C VAL A 742 11.55 16.96 26.13
N ALA A 743 12.58 16.16 26.40
CA ALA A 743 12.51 14.92 27.22
C ALA A 743 12.56 15.30 28.70
N ARG A 744 13.35 16.34 29.07
CA ARG A 744 13.59 16.75 30.48
C ARG A 744 12.36 17.46 31.05
N GLN A 745 11.94 18.55 30.41
CA GLN A 745 10.87 19.44 30.93
C GLN A 745 9.96 19.99 29.81
N GLY A 746 9.97 19.39 28.62
CA GLY A 746 9.16 19.84 27.47
C GLY A 746 7.93 18.96 27.25
N THR A 747 7.44 18.90 26.01
CA THR A 747 6.21 18.20 25.58
C THR A 747 6.26 16.71 25.93
N ALA A 748 7.46 16.14 25.98
CA ALA A 748 7.69 14.69 26.12
C ALA A 748 8.12 14.36 27.54
N LYS A 749 8.05 15.32 28.47
CA LYS A 749 8.47 15.12 29.88
C LYS A 749 7.61 13.98 30.46
N SER A 750 6.30 13.98 30.17
CA SER A 750 5.32 12.98 30.68
C SER A 750 5.89 11.56 30.63
N ALA A 751 6.67 11.21 29.60
CA ALA A 751 7.12 9.81 29.37
C ALA A 751 8.62 9.68 29.62
N PHE A 752 9.45 10.72 29.48
CA PHE A 752 10.94 10.57 29.44
C PHE A 752 11.65 11.15 30.67
N ALA A 753 10.95 11.81 31.60
CA ALA A 753 11.54 12.60 32.72
C ALA A 753 12.14 11.66 33.79
N ASP A 754 11.40 10.62 34.17
CA ASP A 754 11.85 9.57 35.13
C ASP A 754 12.23 8.31 34.32
N PHE A 755 13.26 8.41 33.49
CA PHE A 755 13.70 7.35 32.53
C PHE A 755 15.22 7.24 32.56
N PRO A 756 15.76 6.09 33.03
CA PRO A 756 17.21 5.94 33.22
C PRO A 756 18.11 6.48 32.10
N ILE A 757 17.60 6.63 30.87
CA ILE A 757 18.42 6.94 29.67
C ILE A 757 18.28 8.41 29.28
N ASP A 758 19.40 9.02 28.97
CA ASP A 758 19.49 10.41 28.44
C ASP A 758 18.99 10.37 26.97
N VAL A 759 17.74 10.81 26.73
CA VAL A 759 17.02 10.73 25.43
C VAL A 759 16.77 12.15 24.90
N ALA A 760 17.13 12.37 23.63
CA ALA A 760 16.80 13.58 22.84
C ALA A 760 15.59 13.27 21.96
N ALA A 761 14.49 13.99 22.18
CA ALA A 761 13.18 13.76 21.51
C ALA A 761 12.55 15.07 21.01
N LYS A 762 11.81 14.97 19.91
CA LYS A 762 10.87 16.02 19.43
C LYS A 762 9.55 15.33 19.10
N THR A 763 8.45 15.89 19.59
CA THR A 763 7.04 15.43 19.36
C THR A 763 6.46 16.18 18.16
N GLY A 764 5.26 15.81 17.74
CA GLY A 764 4.55 16.47 16.61
C GLY A 764 3.13 15.97 16.47
N THR A 765 2.32 16.71 15.72
CA THR A 765 0.95 16.34 15.27
C THR A 765 0.64 17.21 14.06
N ALA A 766 0.35 16.61 12.91
CA ALA A 766 0.11 17.34 11.65
C ALA A 766 -1.34 17.15 11.22
N GLU A 767 -2.07 18.25 11.11
CA GLU A 767 -3.45 18.30 10.55
C GLU A 767 -3.34 18.52 9.02
N LYS A 768 -3.64 17.49 8.23
CA LYS A 768 -3.78 17.65 6.75
C LYS A 768 -5.24 18.06 6.47
N SER A 769 -5.44 19.16 5.72
CA SER A 769 -6.75 19.79 5.47
C SER A 769 -7.55 18.98 4.43
N GLY A 770 -8.88 18.96 4.58
CA GLY A 770 -9.83 18.61 3.51
C GLY A 770 -10.16 17.14 3.48
N LYS A 771 -10.95 16.70 2.49
CA LYS A 771 -11.49 15.33 2.42
C LYS A 771 -10.72 14.47 1.41
N ILE A 772 -10.77 13.16 1.58
CA ILE A 772 -10.12 12.18 0.68
C ILE A 772 -11.11 11.85 -0.42
N PRO A 773 -10.77 12.11 -1.70
CA PRO A 773 -11.73 12.03 -2.79
C PRO A 773 -12.31 10.62 -2.96
N THR A 774 -13.52 10.51 -3.48
CA THR A 774 -14.26 9.23 -3.60
C THR A 774 -13.86 8.50 -4.88
N ASP A 775 -14.24 7.23 -4.93
CA ASP A 775 -14.03 6.32 -6.09
C ASP A 775 -14.82 6.86 -7.29
N ASN A 776 -16.01 7.44 -7.00
CA ASN A 776 -17.07 7.83 -7.97
C ASN A 776 -17.88 9.00 -7.37
N GLU A 777 -17.55 10.23 -7.79
CA GLU A 777 -18.10 11.51 -7.23
C GLU A 777 -19.60 11.58 -7.49
N TYR A 778 -20.02 11.18 -8.68
CA TYR A 778 -21.44 11.29 -9.12
C TYR A 778 -22.30 10.39 -8.22
N GLU A 779 -21.90 9.14 -8.00
CA GLU A 779 -22.63 8.17 -7.12
C GLU A 779 -22.72 8.72 -5.70
N TYR A 780 -21.63 9.33 -5.24
CA TYR A 780 -21.53 10.01 -3.93
C TYR A 780 -22.69 11.01 -3.81
N LEU A 781 -22.81 11.92 -4.78
CA LEU A 781 -23.76 13.05 -4.68
C LEU A 781 -25.15 12.45 -4.65
N LYS A 782 -25.40 11.48 -5.52
CA LYS A 782 -26.70 10.78 -5.66
C LYS A 782 -27.08 10.12 -4.34
N SER A 783 -26.19 9.32 -3.77
CA SER A 783 -26.53 8.52 -2.57
C SER A 783 -26.73 9.43 -1.37
N HIS A 784 -26.27 10.69 -1.43
CA HIS A 784 -26.32 11.66 -0.30
C HIS A 784 -27.35 12.79 -0.56
N MET A 785 -28.08 12.78 -1.69
CA MET A 785 -29.06 13.84 -2.09
C MET A 785 -30.03 14.10 -0.94
N SER A 786 -30.70 13.07 -0.43
CA SER A 786 -31.76 13.20 0.62
C SER A 786 -31.26 14.08 1.76
N SER A 787 -30.01 13.90 2.19
CA SER A 787 -29.41 14.54 3.39
C SER A 787 -29.19 16.05 3.15
N TYR A 788 -29.18 16.46 1.87
CA TYR A 788 -29.03 17.86 1.38
C TYR A 788 -30.39 18.58 1.28
N ASN A 789 -31.45 17.80 1.56
CA ASN A 789 -32.88 18.25 1.53
C ASN A 789 -33.26 18.61 0.09
N VAL A 790 -32.85 17.77 -0.85
CA VAL A 790 -33.21 17.91 -2.29
C VAL A 790 -33.79 16.61 -2.85
N ASN A 791 -34.60 16.69 -3.90
CA ASN A 791 -35.23 15.52 -4.55
C ASN A 791 -34.29 15.00 -5.65
N LEU A 792 -34.00 13.69 -5.71
CA LEU A 792 -33.04 13.16 -6.70
C LEU A 792 -33.52 13.49 -8.12
N ASN A 793 -34.75 13.07 -8.45
CA ASN A 793 -35.34 13.28 -9.79
C ASN A 793 -35.20 14.76 -10.16
N ASP A 794 -35.64 15.67 -9.30
CA ASP A 794 -35.60 17.14 -9.53
C ASP A 794 -34.16 17.60 -9.73
N ALA A 795 -33.25 17.15 -8.88
CA ALA A 795 -31.80 17.42 -8.97
C ALA A 795 -31.28 16.96 -10.33
N ILE A 796 -31.50 15.70 -10.68
CA ILE A 796 -30.99 15.10 -11.96
C ILE A 796 -31.53 15.92 -13.15
N LYS A 797 -32.85 16.08 -13.19
CA LYS A 797 -33.56 16.76 -14.28
C LYS A 797 -32.86 18.11 -14.49
N LEU A 798 -32.73 18.87 -13.41
CA LEU A 798 -32.19 20.25 -13.44
C LEU A 798 -30.77 20.21 -13.97
N ALA A 799 -29.95 19.27 -13.49
CA ALA A 799 -28.53 19.15 -13.89
C ALA A 799 -28.45 18.94 -15.41
N ASP A 800 -29.32 18.07 -15.95
CA ASP A 800 -29.43 17.78 -17.40
C ASP A 800 -29.82 19.06 -18.16
N LYS A 801 -30.75 19.85 -17.64
CA LYS A 801 -31.15 21.17 -18.21
C LYS A 801 -29.93 22.06 -18.27
N MET A 802 -29.13 22.10 -17.20
CA MET A 802 -27.96 23.02 -17.10
C MET A 802 -26.93 22.62 -18.16
N LYS A 803 -26.79 21.31 -18.41
CA LYS A 803 -25.83 20.74 -19.39
C LYS A 803 -26.30 21.05 -20.81
N ALA A 804 -27.56 20.76 -21.11
CA ALA A 804 -28.22 21.10 -22.40
C ALA A 804 -28.08 22.61 -22.65
N GLU A 805 -28.18 23.43 -21.60
CA GLU A 805 -28.07 24.92 -21.71
C GLU A 805 -26.65 25.26 -22.15
N LYS A 806 -25.65 24.60 -21.56
CA LYS A 806 -24.22 24.83 -21.87
C LYS A 806 -23.87 24.30 -23.27
N GLU A 807 -24.46 23.17 -23.65
CA GLU A 807 -24.20 22.53 -24.96
C GLU A 807 -24.62 23.51 -26.06
N LYS A 808 -25.80 24.11 -25.92
CA LYS A 808 -26.30 25.17 -26.83
C LYS A 808 -25.24 26.26 -26.88
N GLU A 809 -24.97 26.91 -25.75
CA GLU A 809 -24.06 28.08 -25.67
C GLU A 809 -22.77 27.76 -26.46
N LEU A 810 -22.24 26.54 -26.37
CA LEU A 810 -20.95 26.15 -26.98
C LEU A 810 -21.11 25.93 -28.48
N SER A 811 -22.21 25.28 -28.87
CA SER A 811 -22.67 25.15 -30.26
C SER A 811 -22.72 26.53 -30.93
N LEU A 812 -23.49 27.49 -30.39
CA LEU A 812 -23.61 28.87 -30.94
C LEU A 812 -22.23 29.48 -31.18
N ALA A 813 -21.27 29.27 -30.29
CA ALA A 813 -19.96 29.95 -30.36
C ALA A 813 -19.12 29.25 -31.42
N LYS A 814 -19.10 27.92 -31.39
CA LYS A 814 -18.41 27.04 -32.36
C LYS A 814 -18.83 27.43 -33.78
N GLU A 815 -20.14 27.61 -33.99
CA GLU A 815 -20.79 28.05 -35.25
C GLU A 815 -20.16 29.38 -35.68
N LYS A 816 -20.31 30.44 -34.88
CA LYS A 816 -19.67 31.77 -35.12
C LYS A 816 -18.20 31.59 -35.54
N GLU A 817 -17.45 30.78 -34.80
CA GLU A 817 -16.01 30.53 -35.05
C GLU A 817 -15.85 29.97 -36.46
N ILE A 818 -16.68 29.00 -36.88
CA ILE A 818 -16.53 28.29 -38.18
C ILE A 818 -16.85 29.26 -39.32
N LYS A 819 -17.95 30.00 -39.17
CA LYS A 819 -18.39 31.06 -40.13
C LYS A 819 -17.26 32.08 -40.28
N LYS A 820 -16.58 32.42 -39.21
CA LYS A 820 -15.48 33.41 -39.23
C LYS A 820 -14.28 32.82 -39.99
N LYS A 821 -14.01 31.54 -39.80
CA LYS A 821 -12.87 30.90 -40.51
C LYS A 821 -13.22 30.88 -41.99
N LEU A 822 -14.46 30.57 -42.33
CA LEU A 822 -14.95 30.50 -43.72
C LEU A 822 -14.90 31.88 -44.40
N GLU A 823 -14.99 32.98 -43.65
CA GLU A 823 -14.88 34.34 -44.23
C GLU A 823 -13.45 34.58 -44.71
N ASN A 824 -12.49 33.79 -44.23
CA ASN A 824 -11.06 33.93 -44.63
C ASN A 824 -10.90 33.43 -46.07
N LYS A 825 -10.82 34.37 -47.02
CA LYS A 825 -10.43 34.13 -48.45
C LYS A 825 -9.05 33.47 -48.42
N ASP A 826 -8.65 32.80 -49.50
CA ASP A 826 -7.35 32.07 -49.56
C ASP A 826 -7.36 31.07 -48.40
N LEU A 827 -8.30 30.13 -48.41
CA LEU A 827 -8.46 29.03 -47.42
C LEU A 827 -8.60 27.74 -48.22
N LYS A 828 -7.50 26.99 -48.37
CA LYS A 828 -7.41 25.89 -49.36
C LYS A 828 -8.69 25.04 -49.29
N ASP A 829 -9.15 24.53 -50.44
CA ASP A 829 -10.48 23.90 -50.59
C ASP A 829 -10.68 22.83 -49.51
N GLU A 830 -9.77 21.87 -49.38
CA GLU A 830 -9.97 20.70 -48.48
C GLU A 830 -10.43 21.19 -47.09
N GLU A 831 -9.91 22.31 -46.58
CA GLU A 831 -10.25 22.84 -45.23
C GLU A 831 -11.69 23.40 -45.26
N ARG A 832 -11.93 24.30 -46.22
CA ARG A 832 -13.24 24.93 -46.51
C ARG A 832 -14.32 23.84 -46.55
N LYS A 833 -14.02 22.69 -47.16
CA LYS A 833 -14.95 21.54 -47.29
C LYS A 833 -15.23 20.95 -45.90
N LYS A 834 -14.21 20.80 -45.06
CA LYS A 834 -14.33 20.21 -43.69
C LYS A 834 -15.22 21.12 -42.82
N LEU A 835 -14.91 22.43 -42.77
CA LEU A 835 -15.66 23.46 -42.00
C LEU A 835 -17.11 23.50 -42.47
N GLU A 836 -17.33 23.33 -43.76
CA GLU A 836 -18.68 23.32 -44.36
C GLU A 836 -19.40 22.05 -43.90
N GLU A 837 -18.74 20.90 -44.03
CA GLU A 837 -19.27 19.56 -43.63
C GLU A 837 -19.64 19.57 -42.14
N GLU A 838 -18.94 20.33 -41.29
CA GLU A 838 -19.34 20.53 -39.87
C GLU A 838 -20.73 21.19 -39.87
N LEU A 839 -20.77 22.46 -40.25
CA LEU A 839 -21.99 23.30 -40.30
C LEU A 839 -23.11 22.56 -41.05
N GLU A 840 -22.81 22.04 -42.25
CA GLU A 840 -23.77 21.65 -43.35
C GLU A 840 -24.98 20.91 -42.79
N ASP A 841 -24.82 20.22 -41.65
CA ASP A 841 -25.89 19.48 -40.92
C ASP A 841 -26.43 20.35 -39.76
N GLY A 842 -25.52 20.99 -39.03
CA GLY A 842 -25.79 21.77 -37.81
C GLY A 842 -24.85 21.33 -36.72
N VAL A 843 -24.17 22.25 -36.03
CA VAL A 843 -23.11 21.96 -35.01
C VAL A 843 -23.79 21.60 -33.69
N LYS A 844 -23.49 20.45 -33.10
CA LYS A 844 -24.14 19.95 -31.86
C LYS A 844 -23.06 19.55 -30.86
N VAL A 845 -22.38 20.53 -30.27
CA VAL A 845 -21.26 20.29 -29.30
C VAL A 845 -21.82 19.50 -28.12
N ARG A 846 -21.01 18.57 -27.57
CA ARG A 846 -21.35 17.69 -26.40
C ARG A 846 -20.23 17.77 -25.35
N LEU A 847 -20.57 17.89 -24.07
CA LEU A 847 -19.61 17.77 -22.92
C LEU A 847 -19.19 16.31 -22.83
N GLU A 848 -18.01 16.01 -22.27
CA GLU A 848 -17.33 14.70 -22.45
C GLU A 848 -18.20 13.52 -21.95
N ASP A 849 -18.95 13.68 -20.85
CA ASP A 849 -19.65 12.54 -20.17
C ASP A 849 -18.64 11.76 -19.32
N THR A 850 -17.68 12.46 -18.71
CA THR A 850 -16.84 11.99 -17.58
C THR A 850 -17.67 11.95 -16.30
N ASP A 851 -17.03 11.55 -15.20
CA ASP A 851 -17.56 11.61 -13.81
C ASP A 851 -17.32 13.03 -13.28
N LYS A 852 -16.14 13.60 -13.52
CA LYS A 852 -15.84 15.02 -13.14
C LYS A 852 -16.98 15.90 -13.66
N VAL A 853 -17.33 15.76 -14.94
CA VAL A 853 -18.35 16.61 -15.62
C VAL A 853 -19.73 16.24 -15.03
N ASN A 854 -20.27 15.07 -15.36
CA ASN A 854 -21.59 14.62 -14.88
C ASN A 854 -21.86 15.11 -13.44
N SER A 855 -20.84 15.08 -12.57
CA SER A 855 -20.97 15.41 -11.12
C SER A 855 -20.96 16.93 -10.91
N SER A 856 -20.06 17.62 -11.59
CA SER A 856 -19.95 19.11 -11.56
C SER A 856 -21.35 19.73 -11.62
N TYR A 857 -22.18 19.24 -12.56
CA TYR A 857 -23.55 19.74 -12.84
C TYR A 857 -24.48 19.29 -11.71
N LEU A 858 -24.44 18.02 -11.34
CA LEU A 858 -25.34 17.54 -10.25
C LEU A 858 -25.11 18.40 -9.01
N ARG A 859 -23.85 18.80 -8.76
CA ARG A 859 -23.47 19.62 -7.59
C ARG A 859 -24.05 21.02 -7.74
N LYS A 860 -23.88 21.60 -8.93
CA LYS A 860 -24.39 22.94 -9.31
C LYS A 860 -25.92 22.98 -9.11
N ALA A 861 -26.59 21.89 -9.49
CA ALA A 861 -28.07 21.74 -9.43
C ALA A 861 -28.50 21.62 -7.98
N ILE A 862 -27.76 20.87 -7.16
CA ILE A 862 -28.02 20.75 -5.71
C ILE A 862 -27.95 22.16 -5.14
N LYS A 863 -26.91 22.91 -5.46
CA LYS A 863 -26.69 24.26 -4.89
C LYS A 863 -27.85 25.20 -5.28
N GLU A 864 -28.45 25.03 -6.45
CA GLU A 864 -29.65 25.82 -6.85
C GLU A 864 -30.85 25.39 -6.00
N LEU A 865 -31.22 24.12 -6.06
CA LEU A 865 -32.43 23.56 -5.40
C LEU A 865 -32.37 23.65 -3.86
N ASN A 866 -31.17 23.72 -3.28
CA ASN A 866 -30.99 24.12 -1.86
C ASN A 866 -30.00 25.27 -1.85
N PRO A 867 -30.46 26.52 -1.86
CA PRO A 867 -29.58 27.67 -2.09
C PRO A 867 -28.71 28.11 -0.91
N LYS A 868 -28.79 27.42 0.22
CA LYS A 868 -28.09 27.78 1.49
C LYS A 868 -26.95 26.81 1.78
N ILE A 869 -27.05 25.55 1.34
CA ILE A 869 -26.02 24.49 1.53
C ILE A 869 -24.64 25.00 1.06
N THR A 870 -23.57 24.65 1.79
CA THR A 870 -22.16 25.03 1.50
C THR A 870 -21.46 23.85 0.77
N ASP A 871 -20.26 24.06 0.22
CA ASP A 871 -19.47 22.96 -0.39
C ASP A 871 -19.04 21.96 0.70
N ASP A 872 -18.58 22.48 1.85
CA ASP A 872 -18.10 21.65 2.99
C ASP A 872 -19.24 20.74 3.44
N GLN A 873 -20.46 21.28 3.54
CA GLN A 873 -21.69 20.53 3.92
C GLN A 873 -21.95 19.41 2.90
N ILE A 874 -21.72 19.68 1.60
CA ILE A 874 -21.97 18.70 0.50
C ILE A 874 -20.95 17.55 0.64
N ASP A 875 -19.77 17.85 1.19
CA ASP A 875 -18.59 16.95 1.21
C ASP A 875 -18.42 16.25 2.57
N ARG A 876 -19.39 16.33 3.50
CA ARG A 876 -19.16 15.96 4.92
C ARG A 876 -19.00 14.45 5.06
N PHE A 877 -19.57 13.66 4.16
CA PHE A 877 -19.60 12.19 4.27
C PHE A 877 -18.28 11.55 3.81
N LYS A 878 -17.35 12.32 3.26
CA LYS A 878 -16.06 11.78 2.76
C LYS A 878 -15.11 11.65 3.96
N GLN A 879 -14.15 10.73 3.88
CA GLN A 879 -13.09 10.51 4.91
C GLN A 879 -12.22 11.77 4.99
N ASP A 880 -11.80 12.13 6.18
CA ASP A 880 -10.79 13.20 6.41
C ASP A 880 -9.39 12.60 6.23
N TYR A 881 -8.48 13.31 5.54
CA TYR A 881 -7.01 13.01 5.52
C TYR A 881 -6.59 12.88 6.98
N GLY A 882 -7.14 13.74 7.84
CA GLY A 882 -7.01 13.66 9.30
C GLY A 882 -5.69 14.19 9.82
N SER A 883 -5.44 13.93 11.11
CA SER A 883 -4.19 14.23 11.85
C SER A 883 -3.32 12.98 11.89
N PHE A 884 -1.99 13.16 12.02
CA PHE A 884 -0.96 12.11 12.30
C PHE A 884 -0.09 12.58 13.47
N THR A 885 -0.05 11.84 14.58
CA THR A 885 0.77 12.19 15.77
C THR A 885 2.11 11.43 15.72
N TRP A 886 3.23 12.15 15.93
CA TRP A 886 4.64 11.69 15.73
C TRP A 886 5.44 11.74 17.04
N THR A 887 6.60 11.08 17.01
CA THR A 887 7.71 11.18 17.99
C THR A 887 8.97 10.74 17.25
N VAL A 888 10.00 11.57 17.23
CA VAL A 888 11.36 11.11 16.80
C VAL A 888 12.29 11.27 17.99
N ALA A 889 13.26 10.37 18.16
CA ALA A 889 14.22 10.40 19.29
C ALA A 889 15.51 9.70 18.89
N PHE A 890 16.60 10.12 19.51
CA PHE A 890 17.91 9.42 19.46
C PHE A 890 18.49 9.36 20.87
N ALA A 891 19.23 8.29 21.16
CA ALA A 891 19.78 7.95 22.50
C ALA A 891 21.13 7.24 22.38
N PRO A 892 21.97 7.26 23.44
CA PRO A 892 21.80 8.18 24.56
C PRO A 892 22.37 9.54 24.09
N ALA A 893 21.70 10.63 24.47
CA ALA A 893 21.80 11.95 23.81
C ALA A 893 23.25 12.37 23.58
N ASP A 894 24.12 12.17 24.59
CA ASP A 894 25.49 12.76 24.64
C ASP A 894 26.46 11.96 23.78
N ASP A 895 26.15 10.68 23.56
CA ASP A 895 26.93 9.76 22.69
C ASP A 895 25.94 8.80 22.02
N PRO A 896 25.17 9.23 21.00
CA PRO A 896 23.99 8.49 20.56
C PRO A 896 24.35 7.27 19.70
N GLU A 897 23.59 6.20 19.83
CA GLU A 897 23.81 4.96 19.03
C GLU A 897 22.56 4.60 18.22
N ILE A 898 21.38 5.04 18.67
CA ILE A 898 20.06 4.57 18.18
C ILE A 898 19.17 5.78 17.86
N ALA A 899 18.51 5.80 16.70
CA ALA A 899 17.44 6.77 16.38
C ALA A 899 16.12 6.03 16.14
N VAL A 900 15.04 6.52 16.76
CA VAL A 900 13.72 5.85 16.72
C VAL A 900 12.71 6.88 16.23
N VAL A 901 11.79 6.41 15.39
CA VAL A 901 10.73 7.24 14.75
C VAL A 901 9.46 6.40 14.78
N CYS A 902 8.38 7.00 15.26
CA CYS A 902 7.08 6.34 15.56
C CYS A 902 5.95 7.27 15.17
N VAL A 903 5.08 6.81 14.29
CA VAL A 903 3.95 7.61 13.76
C VAL A 903 2.70 6.79 14.03
N ILE A 904 1.67 7.48 14.52
CA ILE A 904 0.27 6.98 14.64
C ILE A 904 -0.65 7.97 13.95
N PRO A 905 -1.15 7.68 12.71
CA PRO A 905 -2.16 8.52 12.07
C PRO A 905 -3.46 8.51 12.89
N GLN A 906 -3.88 9.72 13.30
CA GLN A 906 -5.18 10.02 13.96
C GLN A 906 -5.09 9.65 15.46
N GLY A 907 -3.90 9.48 16.03
CA GLY A 907 -3.76 9.27 17.49
C GLY A 907 -4.29 10.48 18.23
N ASP A 908 -4.92 10.29 19.38
CA ASP A 908 -5.52 11.39 20.21
C ASP A 908 -4.37 12.29 20.73
N SER A 909 -3.69 11.84 21.78
CA SER A 909 -2.62 12.61 22.50
C SER A 909 -1.26 12.36 21.83
N SER A 910 -0.19 13.03 22.28
CA SER A 910 1.19 12.79 21.78
C SER A 910 1.83 11.63 22.54
N VAL A 911 1.11 11.08 23.52
CA VAL A 911 1.61 10.02 24.43
C VAL A 911 1.56 8.68 23.68
N PHE A 912 0.72 8.55 22.66
CA PHE A 912 0.61 7.29 21.86
C PHE A 912 1.93 7.05 21.11
N SER A 913 2.59 8.13 20.69
CA SER A 913 3.83 8.11 19.88
C SER A 913 5.03 7.87 20.78
N LEU A 914 4.99 8.34 22.02
CA LEU A 914 6.19 8.31 22.92
C LEU A 914 6.36 6.91 23.48
N LEU A 915 5.25 6.20 23.76
CA LEU A 915 5.26 4.97 24.60
C LEU A 915 5.96 3.82 23.88
N PRO A 916 5.71 3.58 22.56
CA PRO A 916 6.50 2.61 21.78
C PRO A 916 7.96 3.05 21.58
N THR A 917 8.19 4.36 21.49
CA THR A 917 9.55 4.93 21.31
C THR A 917 10.36 4.74 22.59
N ARG A 918 9.70 4.73 23.74
CA ARG A 918 10.35 4.50 25.05
C ARG A 918 10.71 3.02 25.16
N GLU A 919 9.73 2.12 24.96
CA GLU A 919 9.91 0.64 25.04
C GLU A 919 11.12 0.19 24.21
N VAL A 920 11.32 0.81 23.04
CA VAL A 920 12.28 0.37 22.00
C VAL A 920 13.67 0.87 22.42
N ILE A 921 13.74 2.17 22.78
CA ILE A 921 14.95 2.83 23.34
C ILE A 921 15.40 2.02 24.56
N GLY A 922 14.48 1.80 25.50
CA GLY A 922 14.75 1.01 26.71
C GLY A 922 15.34 -0.34 26.37
N THR A 923 14.67 -1.13 25.54
CA THR A 923 15.10 -2.50 25.18
C THR A 923 16.47 -2.46 24.51
N TYR A 924 16.73 -1.50 23.60
CA TYR A 924 18.01 -1.43 22.84
C TYR A 924 19.18 -1.33 23.81
N MET A 925 18.98 -0.50 24.85
CA MET A 925 19.98 -0.07 25.86
C MET A 925 20.19 -1.19 26.88
N GLY A 926 19.38 -2.25 26.85
CA GLY A 926 19.59 -3.45 27.68
C GLY A 926 19.08 -3.28 29.09
N LEU A 927 18.15 -2.36 29.31
CA LEU A 927 17.25 -2.36 30.48
C LEU A 927 16.20 -3.45 30.22
#